data_8H8B
#
_entry.id   8H8B
#
_cell.length_a   1.00
_cell.length_b   1.00
_cell.length_c   1.00
_cell.angle_alpha   90.00
_cell.angle_beta   90.00
_cell.angle_gamma   90.00
#
_symmetry.space_group_name_H-M   'P 1'
#
_entity_poly.entity_id   1
_entity_poly.type   'polypeptide(L)'
_entity_poly.pdbx_seq_one_letter_code
;MGSSHHHHHHSQDPENLYFQSMIPQFVIPLTNCLGQSYHFSSQPIPKGEHKKFDSEQSAKAFLDDFVPLRSSRVEELYHL
LGQFPPNVPDEELTPELYAPVFAKALVNGSLYVASFPKTKKNATISSEPTPVPKQVKAKSKQNKAHTSSKTQAKNSASAK
PLQTGSECHEKAGDPVSLVTGAEILTLNDVELPNGFVWSRTYRSSKASRNQGLGYGWRHAFQFELKEVTDEKHNVTSWEF
ISDSADEIEFEPVEHGSTSYQVYVGASCHFLNPNIRIVTLSSGDQYRFELVEDIWLLKQVRNGIFSTFQLRYSRNHRLIE
VAHNKRPVLECQYDKQGRLVELLNAKTEQVLTTYIYDEQDDLVGATNDLGLTERYEYQDQHLIAKRVRPTGFTHYFEWSG
EGSSAKCIRNFGDSGIYDYRFHYEGAKSSYSDSLDNEWTFIHDEQGHLLEKSSPTGRTWQWHYDHLGRKEKAVFPDNSTT
QYQYNQQGQLISKLHSSGAQIQYGYDSLGKLVKTVSPDGDLEKAYYNSLGQRVWDIDALGCVTEYEYDKHGQVVKRESED
GKKSRWWWDKQQRLVAHEVDGTLLRYSYGATDLVNGIAYPDGCVAQISYDDYGRRTSIRYFNDEDKVGYSEEYAYDEFSR
VAQIQTPEGVTSYQWGALAQQEAVIFPDGSHISYEYDQQRNLTKLVRSDGLAFEFWYDSEGLLSGTVGFDGLHSQFKYDS
MGRIIRKDVADRTVLYSYDDAGFLQHIKAGNGKNIVENHFNYTLGGRLTLASNRHQTLQYQYSSFGHLTKRIQGQFEIGE
EFNRVGQRVSQTLPDKTSFNFSYDTNGRLSEIRFSDDSLPKIEFQYDVMGRLSVTETESFRESKLYDGVGRLVEQQWSGR
EKKYIYNAQNRISSILDNTAGATHYQYDTLGYVTKVSEAGSTSTFESDSFGNPALADSKVMSDRIEAYAGVRYKYDQQGN
QVKREGDGTVQKRVFDALSQLVEVHGDSSISHYEYDALGRRTKKITQNGITEFLWEGERLLGERTADGFRWYLYQPETYI
PLAVLENGSIYLYECDQVGKPERLKDSAGNIVWSASYDVHGFASIDVEEVRNPLRFQGQYFDQETNLHYNLARYYDPKLG
RFIQQDPISIAGGINHYQYAVNPIQWIAPTGFLCEEGLKRLQQMLAEYQAQSDVPQEVCDQILEAAKESSVGEDGVRSQV
KIRKPNGKNNIRYEYDLDHIDCKKNEITFYRHINYSDGSKRKIQYTVGIEGFVDIYDFVNVQKCDAQVYDTKTSKTVGGR
KIINSEFAGKTVTTKGGDVRFDSDGFPDFTPYSKKTVRVIGLTGDMANDVPLAMARAKITKYDKSKYVWHHHQDGKTMML
IPKSVHSVRNGGVAATGGRSVIQHNLLNPNNKLNYSSPEELV
;
_entity_poly.pdbx_strand_id   A
#
# COMPACT_ATOMS: atom_id res chain seq x y z
N GLU A 167 -0.41 -32.27 1.99
CA GLU A 167 -1.11 -31.61 0.89
C GLU A 167 -0.99 -30.09 0.98
N CYS A 168 -0.94 -29.43 -0.17
CA CYS A 168 -0.75 -27.98 -0.20
C CYS A 168 -1.28 -27.36 -1.49
N HIS A 169 -0.95 -26.09 -1.72
CA HIS A 169 -1.43 -25.37 -2.88
C HIS A 169 -0.64 -25.74 -4.13
N GLU A 170 -1.32 -25.75 -5.27
CA GLU A 170 -0.68 -25.98 -6.56
C GLU A 170 -1.21 -24.99 -7.57
N LYS A 171 -0.40 -24.71 -8.59
CA LYS A 171 -0.73 -23.68 -9.57
C LYS A 171 -1.86 -24.08 -10.50
N ALA A 172 -2.06 -25.37 -10.73
CA ALA A 172 -3.09 -25.85 -11.65
C ALA A 172 -4.45 -26.02 -10.97
N GLY A 173 -4.61 -25.53 -9.75
CA GLY A 173 -5.88 -25.65 -9.06
C GLY A 173 -5.93 -24.90 -7.74
N ASP A 174 -6.52 -25.54 -6.73
CA ASP A 174 -6.69 -24.96 -5.41
C ASP A 174 -5.99 -25.85 -4.39
N PRO A 175 -5.66 -25.31 -3.22
CA PRO A 175 -5.01 -26.14 -2.19
C PRO A 175 -5.86 -27.34 -1.82
N VAL A 176 -5.19 -28.48 -1.65
CA VAL A 176 -5.86 -29.72 -1.30
C VAL A 176 -6.25 -29.69 0.17
N SER A 177 -7.42 -30.22 0.48
CA SER A 177 -7.95 -30.20 1.84
C SER A 177 -7.91 -31.55 2.54
N LEU A 178 -7.38 -32.59 1.89
CA LEU A 178 -7.36 -33.91 2.50
C LEU A 178 -6.20 -34.70 1.90
N VAL A 179 -5.61 -35.56 2.74
CA VAL A 179 -4.50 -36.41 2.30
C VAL A 179 -4.95 -37.41 1.25
N THR A 180 -6.25 -37.73 1.19
CA THR A 180 -6.78 -38.69 0.22
C THR A 180 -6.89 -38.10 -1.18
N GLY A 181 -6.44 -36.87 -1.38
CA GLY A 181 -6.48 -36.27 -2.71
C GLY A 181 -7.79 -35.58 -3.05
N ALA A 182 -8.42 -34.91 -2.09
CA ALA A 182 -9.65 -34.20 -2.36
C ALA A 182 -9.34 -32.90 -3.11
N GLU A 183 -9.78 -32.83 -4.36
CA GLU A 183 -9.51 -31.67 -5.20
C GLU A 183 -10.55 -30.59 -4.97
N ILE A 184 -10.07 -29.34 -4.82
CA ILE A 184 -10.93 -28.19 -4.60
C ILE A 184 -10.82 -27.27 -5.80
N LEU A 185 -11.90 -26.54 -6.05
CA LEU A 185 -11.95 -25.59 -7.17
C LEU A 185 -12.87 -24.45 -6.77
N THR A 186 -12.29 -23.27 -6.52
CA THR A 186 -13.04 -22.08 -6.17
C THR A 186 -12.95 -21.08 -7.32
N LEU A 187 -14.09 -20.71 -7.87
CA LEU A 187 -14.15 -19.77 -8.98
C LEU A 187 -15.26 -18.75 -8.72
N ASN A 188 -14.95 -17.48 -8.95
CA ASN A 188 -15.91 -16.40 -8.75
C ASN A 188 -16.63 -16.12 -10.06
N ASP A 189 -17.97 -16.20 -10.02
CA ASP A 189 -18.75 -15.98 -11.24
C ASP A 189 -18.89 -14.49 -11.54
N VAL A 190 -19.51 -13.74 -10.64
CA VAL A 190 -19.70 -12.30 -10.82
C VAL A 190 -19.17 -11.58 -9.59
N GLU A 191 -18.73 -10.33 -9.80
CA GLU A 191 -18.19 -9.49 -8.75
C GLU A 191 -18.72 -8.08 -8.92
N LEU A 192 -19.32 -7.55 -7.86
CA LEU A 192 -19.82 -6.18 -7.91
C LEU A 192 -18.87 -5.24 -7.17
N PRO A 193 -18.66 -4.02 -7.67
CA PRO A 193 -17.71 -3.08 -7.05
C PRO A 193 -18.29 -2.37 -5.83
N ASN A 194 -19.00 -3.13 -4.98
CA ASN A 194 -19.49 -2.60 -3.71
C ASN A 194 -19.36 -3.60 -2.58
N GLY A 195 -18.71 -4.74 -2.80
CA GLY A 195 -18.55 -5.76 -1.77
C GLY A 195 -19.29 -7.06 -2.05
N PHE A 196 -19.97 -7.18 -3.18
CA PHE A 196 -20.74 -8.37 -3.50
C PHE A 196 -19.95 -9.27 -4.43
N VAL A 197 -20.04 -10.58 -4.19
CA VAL A 197 -19.35 -11.58 -5.01
C VAL A 197 -20.19 -12.86 -5.03
N TRP A 198 -20.12 -13.58 -6.14
CA TRP A 198 -20.81 -14.85 -6.30
C TRP A 198 -19.79 -15.90 -6.74
N SER A 199 -19.35 -16.72 -5.79
CA SER A 199 -18.35 -17.75 -6.05
C SER A 199 -18.97 -19.14 -6.01
N ARG A 200 -18.19 -20.13 -6.43
CA ARG A 200 -18.60 -21.52 -6.42
C ARG A 200 -17.42 -22.38 -5.96
N THR A 201 -17.73 -23.46 -5.24
CA THR A 201 -16.73 -24.37 -4.71
C THR A 201 -17.05 -25.79 -5.14
N TYR A 202 -16.06 -26.50 -5.66
CA TYR A 202 -16.18 -27.89 -6.04
C TYR A 202 -15.27 -28.74 -5.16
N ARG A 203 -15.75 -29.93 -4.79
CA ARG A 203 -15.00 -30.84 -3.94
C ARG A 203 -15.05 -32.23 -4.55
N SER A 204 -13.87 -32.82 -4.78
CA SER A 204 -13.80 -34.17 -5.32
C SER A 204 -14.27 -35.19 -4.29
N SER A 205 -14.00 -34.94 -3.02
CA SER A 205 -14.44 -35.84 -1.96
C SER A 205 -15.95 -35.71 -1.75
N LYS A 206 -16.60 -36.85 -1.51
CA LYS A 206 -18.05 -36.92 -1.31
C LYS A 206 -18.81 -36.34 -2.51
N ALA A 207 -18.30 -36.58 -3.71
CA ALA A 207 -18.95 -36.10 -4.94
C ALA A 207 -20.03 -37.06 -5.42
N SER A 208 -20.97 -37.38 -4.53
CA SER A 208 -22.07 -38.28 -4.86
C SER A 208 -23.43 -37.69 -4.50
N ARG A 209 -23.48 -36.42 -4.08
CA ARG A 209 -24.72 -35.75 -3.73
C ARG A 209 -24.92 -34.56 -4.66
N ASN A 210 -26.17 -34.36 -5.09
CA ASN A 210 -26.52 -33.30 -6.03
C ASN A 210 -27.59 -32.41 -5.41
N GLN A 211 -27.23 -31.16 -5.13
CA GLN A 211 -28.17 -30.16 -4.64
C GLN A 211 -27.79 -28.82 -5.25
N GLY A 212 -28.74 -28.20 -5.95
CA GLY A 212 -28.47 -26.93 -6.60
C GLY A 212 -27.77 -27.12 -7.93
N LEU A 213 -26.46 -26.93 -7.94
CA LEU A 213 -25.64 -27.14 -9.12
C LEU A 213 -25.35 -28.63 -9.28
N GLY A 214 -24.41 -28.96 -10.15
CA GLY A 214 -24.06 -30.34 -10.41
C GLY A 214 -23.43 -31.03 -9.21
N TYR A 215 -22.93 -32.23 -9.47
CA TYR A 215 -22.35 -33.06 -8.42
C TYR A 215 -21.06 -32.43 -7.91
N GLY A 216 -21.06 -31.99 -6.66
CA GLY A 216 -19.88 -31.44 -6.03
C GLY A 216 -19.80 -29.92 -6.01
N TRP A 217 -20.63 -29.24 -6.80
CA TRP A 217 -20.59 -27.79 -6.88
C TRP A 217 -21.56 -27.18 -5.88
N ARG A 218 -21.11 -26.14 -5.20
CA ARG A 218 -21.92 -25.45 -4.19
C ARG A 218 -21.58 -23.98 -4.19
N HIS A 219 -22.61 -23.13 -4.23
CA HIS A 219 -22.40 -21.69 -4.20
C HIS A 219 -22.18 -21.23 -2.76
N ALA A 220 -21.80 -19.96 -2.60
CA ALA A 220 -21.44 -19.44 -1.29
C ALA A 220 -22.64 -19.19 -0.39
N PHE A 221 -23.85 -19.30 -0.92
CA PHE A 221 -25.07 -19.05 -0.15
C PHE A 221 -25.88 -20.32 0.08
N GLN A 222 -25.19 -21.43 0.33
CA GLN A 222 -25.83 -22.72 0.59
C GLN A 222 -25.54 -23.10 2.03
N PHE A 223 -26.45 -22.74 2.93
CA PHE A 223 -26.37 -23.10 4.34
C PHE A 223 -27.69 -23.74 4.75
N GLU A 224 -27.61 -24.91 5.36
CA GLU A 224 -28.78 -25.72 5.68
C GLU A 224 -29.11 -25.71 7.17
N LEU A 225 -28.12 -26.00 8.02
CA LEU A 225 -28.33 -26.13 9.47
C LEU A 225 -29.40 -27.18 9.77
N LYS A 226 -29.10 -28.41 9.38
CA LYS A 226 -30.04 -29.51 9.59
C LYS A 226 -30.12 -29.88 11.06
N GLU A 227 -31.19 -30.58 11.41
CA GLU A 227 -31.45 -31.04 12.77
C GLU A 227 -31.51 -32.56 12.73
N VAL A 228 -30.43 -33.22 13.18
CA VAL A 228 -30.35 -34.67 13.06
C VAL A 228 -31.36 -35.32 13.99
N THR A 229 -32.09 -36.31 13.48
CA THR A 229 -33.07 -37.04 14.26
C THR A 229 -32.77 -38.53 14.20
N ASP A 230 -33.19 -39.24 15.24
CA ASP A 230 -33.00 -40.68 15.36
C ASP A 230 -34.35 -41.39 15.35
N GLU A 231 -34.32 -42.70 15.54
CA GLU A 231 -35.55 -43.49 15.55
C GLU A 231 -36.32 -43.33 16.86
N LYS A 232 -35.67 -42.86 17.92
CA LYS A 232 -36.32 -42.68 19.21
C LYS A 232 -37.00 -41.32 19.35
N HIS A 233 -37.22 -40.62 18.24
CA HIS A 233 -37.89 -39.32 18.25
C HIS A 233 -37.15 -38.31 19.12
N ASN A 234 -35.82 -38.36 19.08
CA ASN A 234 -34.97 -37.41 19.77
C ASN A 234 -34.00 -36.79 18.77
N VAL A 235 -33.63 -35.54 19.02
CA VAL A 235 -32.79 -34.80 18.08
C VAL A 235 -31.32 -34.94 18.46
N THR A 236 -30.96 -34.43 19.64
CA THR A 236 -29.64 -34.62 20.23
C THR A 236 -28.49 -34.09 19.38
N SER A 237 -28.79 -33.45 18.24
CA SER A 237 -27.73 -33.01 17.34
C SER A 237 -28.20 -32.00 16.31
N TRP A 238 -27.46 -30.90 16.19
CA TRP A 238 -27.70 -29.90 15.15
C TRP A 238 -26.46 -29.82 14.27
N GLU A 239 -26.62 -30.09 12.98
CA GLU A 239 -25.51 -30.12 12.04
C GLU A 239 -25.49 -28.82 11.24
N PHE A 240 -24.41 -28.07 11.39
CA PHE A 240 -24.19 -26.83 10.64
C PHE A 240 -23.25 -27.15 9.48
N ILE A 241 -23.71 -26.90 8.25
CA ILE A 241 -22.94 -27.18 7.05
C ILE A 241 -22.54 -25.86 6.42
N SER A 242 -21.27 -25.72 6.08
CA SER A 242 -20.72 -24.53 5.46
C SER A 242 -20.14 -24.90 4.09
N ASP A 243 -19.46 -23.93 3.47
CA ASP A 243 -18.85 -24.16 2.17
C ASP A 243 -17.77 -25.23 2.27
N SER A 244 -17.40 -25.78 1.11
CA SER A 244 -16.42 -26.86 0.97
C SER A 244 -16.77 -28.09 1.80
N ALA A 245 -18.05 -28.28 2.08
CA ALA A 245 -18.56 -29.44 2.82
C ALA A 245 -17.88 -29.58 4.19
N ASP A 246 -18.09 -28.56 5.02
CA ASP A 246 -17.59 -28.54 6.38
C ASP A 246 -18.75 -28.67 7.36
N GLU A 247 -18.69 -29.66 8.23
CA GLU A 247 -19.77 -29.97 9.16
C GLU A 247 -19.35 -29.66 10.59
N ILE A 248 -20.28 -29.13 11.37
CA ILE A 248 -20.09 -28.86 12.78
C ILE A 248 -21.30 -29.43 13.54
N GLU A 249 -21.05 -30.03 14.70
CA GLU A 249 -22.09 -30.68 15.50
C GLU A 249 -22.30 -29.89 16.78
N PHE A 250 -23.52 -29.42 17.00
CA PHE A 250 -23.90 -28.73 18.22
C PHE A 250 -24.90 -29.57 19.01
N GLU A 251 -24.82 -29.45 20.33
CA GLU A 251 -25.67 -30.16 21.28
C GLU A 251 -26.92 -29.33 21.59
N PRO A 252 -28.07 -29.99 21.80
CA PRO A 252 -29.29 -29.24 22.09
C PRO A 252 -29.27 -28.64 23.48
N VAL A 253 -29.68 -27.37 23.57
CA VAL A 253 -29.74 -26.64 24.83
C VAL A 253 -31.14 -26.04 24.97
N GLU A 254 -31.35 -25.35 26.08
CA GLU A 254 -32.62 -24.69 26.35
C GLU A 254 -32.61 -23.27 25.78
N HIS A 255 -33.79 -22.64 25.80
CA HIS A 255 -33.92 -21.28 25.30
C HIS A 255 -33.09 -20.31 26.14
N GLY A 256 -32.56 -19.29 25.48
CA GLY A 256 -31.72 -18.31 26.15
C GLY A 256 -30.32 -18.77 26.48
N SER A 257 -29.90 -19.92 25.98
CA SER A 257 -28.58 -20.46 26.24
C SER A 257 -27.84 -20.69 24.92
N THR A 258 -26.53 -20.91 25.03
CA THR A 258 -25.67 -21.16 23.89
C THR A 258 -25.09 -22.56 23.95
N SER A 259 -24.61 -23.04 22.81
CA SER A 259 -24.03 -24.38 22.73
C SER A 259 -22.60 -24.41 23.22
N TYR A 260 -21.80 -23.40 22.85
CA TYR A 260 -20.39 -23.31 23.23
C TYR A 260 -19.62 -24.55 22.74
N GLN A 261 -19.60 -24.72 21.43
CA GLN A 261 -18.96 -25.88 20.83
C GLN A 261 -17.46 -25.85 21.08
N VAL A 262 -16.86 -27.03 21.22
CA VAL A 262 -15.50 -27.17 21.72
C VAL A 262 -14.54 -27.44 20.56
N TYR A 263 -13.32 -26.94 20.71
CA TYR A 263 -12.19 -27.17 19.79
C TYR A 263 -12.50 -26.80 18.34
N VAL A 264 -13.56 -26.02 18.11
CA VAL A 264 -13.83 -25.45 16.79
C VAL A 264 -13.94 -23.94 16.96
N GLY A 265 -14.33 -23.50 18.14
CA GLY A 265 -14.48 -22.09 18.42
C GLY A 265 -15.79 -21.48 17.98
N ALA A 266 -16.84 -22.29 17.81
CA ALA A 266 -18.14 -21.81 17.38
C ALA A 266 -19.11 -21.79 18.55
N SER A 267 -20.32 -21.29 18.29
CA SER A 267 -21.35 -21.21 19.31
C SER A 267 -22.70 -21.08 18.63
N CYS A 268 -23.73 -21.65 19.26
CA CYS A 268 -25.09 -21.63 18.73
C CYS A 268 -26.01 -20.98 19.77
N HIS A 269 -26.31 -19.70 19.57
CA HIS A 269 -27.18 -18.96 20.45
C HIS A 269 -28.63 -19.08 19.97
N PHE A 270 -29.55 -19.28 20.90
CA PHE A 270 -30.97 -19.43 20.60
C PHE A 270 -31.69 -18.20 21.15
N LEU A 271 -31.96 -17.23 20.28
CA LEU A 271 -32.57 -15.98 20.74
C LEU A 271 -34.03 -16.20 21.11
N ASN A 272 -34.84 -16.62 20.15
CA ASN A 272 -36.22 -17.01 20.34
C ASN A 272 -36.45 -18.33 19.64
N PRO A 273 -37.59 -19.01 19.89
CA PRO A 273 -37.81 -20.34 19.29
C PRO A 273 -37.70 -20.39 17.77
N ASN A 274 -37.56 -19.24 17.10
CA ASN A 274 -37.44 -19.20 15.66
C ASN A 274 -36.22 -18.41 15.19
N ILE A 275 -35.23 -18.19 16.07
CA ILE A 275 -34.05 -17.40 15.71
C ILE A 275 -32.82 -18.05 16.32
N ARG A 276 -31.89 -18.50 15.46
CA ARG A 276 -30.63 -19.06 15.88
C ARG A 276 -29.48 -18.20 15.32
N ILE A 277 -28.36 -18.19 16.04
CA ILE A 277 -27.18 -17.45 15.64
C ILE A 277 -25.97 -18.37 15.78
N VAL A 278 -25.27 -18.61 14.67
CA VAL A 278 -24.09 -19.48 14.66
C VAL A 278 -22.84 -18.63 14.46
N THR A 279 -22.21 -18.22 15.56
CA THR A 279 -21.03 -17.37 15.50
C THR A 279 -19.79 -18.25 15.37
N LEU A 280 -19.18 -18.22 14.20
CA LEU A 280 -17.97 -18.99 13.95
C LEU A 280 -16.74 -18.25 14.49
N SER A 281 -15.57 -18.85 14.30
CA SER A 281 -14.33 -18.26 14.78
C SER A 281 -13.82 -17.13 13.88
N SER A 282 -14.45 -16.91 12.73
CA SER A 282 -14.02 -15.85 11.82
C SER A 282 -14.63 -14.50 12.15
N GLY A 283 -15.85 -14.48 12.67
CA GLY A 283 -16.51 -13.23 13.02
C GLY A 283 -17.87 -13.07 12.39
N ASP A 284 -18.45 -14.17 11.91
CA ASP A 284 -19.76 -14.15 11.29
C ASP A 284 -20.84 -14.47 12.33
N GLN A 285 -22.10 -14.30 11.91
CA GLN A 285 -23.24 -14.59 12.78
C GLN A 285 -24.15 -15.67 12.23
N TYR A 286 -24.46 -15.63 10.94
CA TYR A 286 -25.29 -16.64 10.28
C TYR A 286 -26.63 -16.81 11.01
N ARG A 287 -27.42 -15.73 11.01
CA ARG A 287 -28.73 -15.76 11.64
C ARG A 287 -29.68 -16.63 10.83
N PHE A 288 -30.16 -17.70 11.46
CA PHE A 288 -31.11 -18.64 10.86
C PHE A 288 -32.49 -18.44 11.44
N GLU A 289 -33.51 -18.62 10.61
CA GLU A 289 -34.90 -18.48 10.99
C GLU A 289 -35.69 -19.72 10.59
N LEU A 290 -36.59 -20.15 11.47
CA LEU A 290 -37.45 -21.28 11.21
C LEU A 290 -38.74 -20.81 10.56
N VAL A 291 -39.21 -21.56 9.55
CA VAL A 291 -40.44 -21.18 8.85
C VAL A 291 -41.60 -22.08 9.28
N GLU A 292 -41.54 -23.37 8.92
CA GLU A 292 -42.53 -24.31 9.42
C GLU A 292 -41.86 -25.49 10.12
N ASP A 293 -40.85 -26.12 9.49
CA ASP A 293 -40.14 -27.21 10.12
C ASP A 293 -38.64 -27.22 9.82
N ILE A 294 -38.13 -26.24 9.08
CA ILE A 294 -36.73 -26.23 8.67
C ILE A 294 -36.16 -24.84 8.91
N TRP A 295 -34.88 -24.79 9.23
CA TRP A 295 -34.17 -23.54 9.49
C TRP A 295 -33.47 -23.08 8.21
N LEU A 296 -33.89 -21.94 7.69
CA LEU A 296 -33.33 -21.36 6.48
C LEU A 296 -32.47 -20.16 6.84
N LEU A 297 -31.36 -20.00 6.12
CA LEU A 297 -30.46 -18.88 6.37
C LEU A 297 -31.13 -17.57 6.01
N LYS A 298 -31.07 -16.61 6.94
CA LYS A 298 -31.65 -15.29 6.73
C LYS A 298 -30.65 -14.16 6.85
N GLN A 299 -29.53 -14.34 7.53
CA GLN A 299 -28.53 -13.30 7.63
C GLN A 299 -27.14 -13.93 7.68
N VAL A 300 -26.16 -13.25 7.11
CA VAL A 300 -24.78 -13.72 7.06
C VAL A 300 -23.86 -12.88 7.94
N ARG A 301 -23.80 -11.57 7.68
CA ARG A 301 -22.95 -10.64 8.44
C ARG A 301 -21.48 -11.07 8.41
N ASN A 302 -20.92 -11.10 7.20
CA ASN A 302 -19.53 -11.50 7.03
C ASN A 302 -18.54 -10.40 7.41
N GLY A 303 -19.00 -9.17 7.59
CA GLY A 303 -18.11 -8.09 7.96
C GLY A 303 -18.72 -7.13 8.97
N ILE A 304 -18.08 -5.98 9.17
CA ILE A 304 -18.61 -4.99 10.11
C ILE A 304 -19.77 -4.22 9.52
N PHE A 305 -19.71 -3.91 8.22
CA PHE A 305 -20.77 -3.17 7.54
C PHE A 305 -21.41 -3.94 6.39
N SER A 306 -20.83 -5.07 5.98
CA SER A 306 -21.33 -5.85 4.86
C SER A 306 -22.17 -7.01 5.39
N THR A 307 -23.44 -7.04 4.99
CA THR A 307 -24.37 -8.10 5.36
C THR A 307 -25.04 -8.64 4.11
N PHE A 308 -25.78 -9.74 4.27
CA PHE A 308 -26.50 -10.37 3.17
C PHE A 308 -27.84 -10.86 3.66
N GLN A 309 -28.91 -10.34 3.07
CA GLN A 309 -30.28 -10.75 3.40
C GLN A 309 -30.78 -11.74 2.36
N LEU A 310 -31.47 -12.78 2.83
CA LEU A 310 -31.99 -13.82 1.98
C LEU A 310 -33.51 -13.89 2.09
N ARG A 311 -34.15 -14.18 0.96
CA ARG A 311 -35.61 -14.30 0.91
C ARG A 311 -35.97 -15.61 0.23
N TYR A 312 -37.14 -16.14 0.59
CA TYR A 312 -37.62 -17.40 0.06
C TYR A 312 -39.07 -17.27 -0.36
N SER A 313 -39.46 -18.13 -1.30
CA SER A 313 -40.82 -18.19 -1.82
C SER A 313 -41.57 -19.34 -1.16
N ARG A 314 -42.76 -19.66 -1.67
CA ARG A 314 -43.52 -20.79 -1.15
C ARG A 314 -42.71 -22.08 -1.24
N ASN A 315 -41.92 -22.24 -2.29
CA ASN A 315 -41.00 -23.36 -2.39
C ASN A 315 -39.67 -22.99 -1.75
N HIS A 316 -39.05 -23.97 -1.09
CA HIS A 316 -37.80 -23.73 -0.36
C HIS A 316 -36.65 -23.62 -1.37
N ARG A 317 -36.49 -22.41 -1.90
CA ARG A 317 -35.43 -22.11 -2.86
C ARG A 317 -34.88 -20.71 -2.57
N LEU A 318 -33.56 -20.59 -2.57
CA LEU A 318 -32.90 -19.32 -2.29
C LEU A 318 -33.02 -18.40 -3.49
N ILE A 319 -33.56 -17.20 -3.27
CA ILE A 319 -33.71 -16.20 -4.32
C ILE A 319 -33.61 -14.81 -3.70
N GLU A 320 -33.43 -13.80 -4.55
CA GLU A 320 -33.47 -12.40 -4.15
C GLU A 320 -32.40 -12.09 -3.09
N VAL A 321 -31.14 -12.24 -3.49
CA VAL A 321 -30.02 -11.91 -2.61
C VAL A 321 -29.83 -10.39 -2.59
N ALA A 322 -29.72 -9.83 -1.39
CA ALA A 322 -29.67 -8.39 -1.21
C ALA A 322 -28.32 -7.94 -0.67
N HIS A 323 -28.07 -6.63 -0.76
CA HIS A 323 -26.88 -6.00 -0.18
C HIS A 323 -27.35 -5.03 0.90
N ASN A 324 -27.63 -5.57 2.08
CA ASN A 324 -27.93 -4.88 3.33
C ASN A 324 -29.27 -4.14 3.33
N LYS A 325 -29.85 -3.85 2.17
CA LYS A 325 -31.26 -3.48 2.13
C LYS A 325 -31.95 -3.87 0.82
N ARG A 326 -31.18 -4.12 -0.23
CA ARG A 326 -31.70 -4.07 -1.58
C ARG A 326 -31.20 -5.25 -2.41
N PRO A 327 -32.09 -5.93 -3.14
CA PRO A 327 -31.64 -7.07 -3.95
C PRO A 327 -30.74 -6.63 -5.09
N VAL A 328 -29.69 -7.41 -5.34
CA VAL A 328 -28.75 -7.16 -6.43
C VAL A 328 -28.52 -8.37 -7.31
N LEU A 329 -29.12 -9.52 -6.98
CA LEU A 329 -28.92 -10.73 -7.75
C LEU A 329 -30.15 -11.62 -7.62
N GLU A 330 -30.27 -12.57 -8.54
CA GLU A 330 -31.35 -13.54 -8.54
C GLU A 330 -30.76 -14.93 -8.76
N CYS A 331 -31.63 -15.93 -8.84
CA CYS A 331 -31.18 -17.30 -9.05
C CYS A 331 -31.90 -17.95 -10.23
N GLN A 332 -33.16 -17.56 -10.45
CA GLN A 332 -33.96 -18.01 -11.59
C GLN A 332 -33.89 -19.54 -11.75
N TYR A 333 -34.39 -20.24 -10.73
CA TYR A 333 -34.34 -21.69 -10.74
C TYR A 333 -35.15 -22.26 -11.89
N ASP A 334 -34.66 -23.36 -12.46
CA ASP A 334 -35.30 -24.03 -13.59
C ASP A 334 -36.28 -25.08 -13.09
N LYS A 335 -37.25 -25.41 -13.95
CA LYS A 335 -38.26 -26.39 -13.60
C LYS A 335 -37.67 -27.79 -13.37
N GLN A 336 -36.46 -28.05 -13.88
CA GLN A 336 -35.84 -29.35 -13.66
C GLN A 336 -35.39 -29.52 -12.21
N GLY A 337 -35.00 -28.42 -11.56
CA GLY A 337 -34.56 -28.49 -10.17
C GLY A 337 -33.18 -27.89 -9.95
N ARG A 338 -32.68 -27.16 -10.95
CA ARG A 338 -31.38 -26.53 -10.89
C ARG A 338 -31.50 -25.08 -11.31
N LEU A 339 -30.39 -24.36 -11.25
CA LEU A 339 -30.33 -22.97 -11.67
C LEU A 339 -29.55 -22.85 -12.98
N VAL A 340 -30.09 -22.07 -13.91
CA VAL A 340 -29.49 -21.94 -15.23
C VAL A 340 -29.08 -20.50 -15.56
N GLU A 341 -29.70 -19.49 -14.97
CA GLU A 341 -29.38 -18.11 -15.29
C GLU A 341 -29.52 -17.26 -14.02
N LEU A 342 -28.71 -16.22 -13.95
CA LEU A 342 -28.73 -15.29 -12.82
C LEU A 342 -29.13 -13.92 -13.32
N LEU A 343 -30.22 -13.38 -12.79
CA LEU A 343 -30.72 -12.07 -13.19
C LEU A 343 -30.05 -10.99 -12.34
N ASN A 344 -30.54 -9.75 -12.45
CA ASN A 344 -29.96 -8.63 -11.73
C ASN A 344 -30.94 -7.90 -10.82
N ALA A 345 -32.25 -8.20 -10.91
CA ALA A 345 -33.29 -7.57 -10.10
C ALA A 345 -33.41 -6.08 -10.36
N LYS A 346 -32.65 -5.57 -11.34
CA LYS A 346 -32.70 -4.17 -11.72
C LYS A 346 -32.14 -4.07 -13.13
N THR A 347 -32.98 -3.73 -14.10
CA THR A 347 -32.64 -3.82 -15.53
C THR A 347 -32.13 -5.23 -15.85
N GLU A 348 -33.05 -6.19 -15.70
CA GLU A 348 -32.71 -7.60 -15.76
C GLU A 348 -31.93 -7.95 -17.01
N GLN A 349 -30.88 -8.73 -16.84
CA GLN A 349 -30.03 -9.16 -17.94
C GLN A 349 -29.24 -10.38 -17.50
N VAL A 350 -28.88 -11.22 -18.47
CA VAL A 350 -28.18 -12.46 -18.16
C VAL A 350 -26.75 -12.14 -17.70
N LEU A 351 -26.27 -12.92 -16.73
CA LEU A 351 -24.95 -12.68 -16.17
C LEU A 351 -24.08 -13.93 -16.17
N THR A 352 -24.69 -15.11 -16.05
CA THR A 352 -23.93 -16.34 -15.96
C THR A 352 -24.35 -17.41 -16.96
N THR A 353 -25.65 -17.53 -17.24
CA THR A 353 -26.22 -18.49 -18.19
C THR A 353 -25.52 -19.85 -18.14
N TYR A 354 -25.62 -20.49 -16.98
CA TYR A 354 -25.10 -21.84 -16.78
C TYR A 354 -25.59 -22.78 -17.88
N ILE A 355 -24.77 -23.75 -18.27
CA ILE A 355 -25.09 -24.68 -19.33
C ILE A 355 -24.97 -26.09 -18.80
N TYR A 356 -26.00 -26.90 -18.99
CA TYR A 356 -26.04 -28.28 -18.53
C TYR A 356 -26.23 -29.22 -19.71
N ASP A 357 -25.68 -30.42 -19.58
CA ASP A 357 -25.82 -31.47 -20.57
C ASP A 357 -26.86 -32.48 -20.12
N GLU A 358 -26.96 -33.61 -20.85
CA GLU A 358 -27.90 -34.65 -20.46
C GLU A 358 -27.56 -35.23 -19.10
N GLN A 359 -26.31 -35.14 -18.67
CA GLN A 359 -25.90 -35.61 -17.36
C GLN A 359 -25.96 -34.45 -16.36
N ASP A 360 -26.13 -34.79 -15.09
CA ASP A 360 -26.23 -33.81 -14.02
C ASP A 360 -24.83 -33.43 -13.55
N ASP A 361 -24.20 -32.49 -14.27
CA ASP A 361 -22.88 -32.01 -13.91
C ASP A 361 -22.62 -30.71 -14.66
N LEU A 362 -21.94 -29.77 -13.98
CA LEU A 362 -21.61 -28.49 -14.58
C LEU A 362 -20.52 -28.68 -15.64
N VAL A 363 -20.83 -28.29 -16.87
CA VAL A 363 -19.92 -28.46 -18.00
C VAL A 363 -19.38 -27.12 -18.48
N GLY A 364 -20.27 -26.18 -18.83
CA GLY A 364 -19.86 -24.91 -19.38
C GLY A 364 -20.19 -23.76 -18.45
N ALA A 365 -19.38 -22.71 -18.52
CA ALA A 365 -19.58 -21.51 -17.71
C ALA A 365 -20.33 -20.43 -18.49
N THR A 366 -19.80 -20.04 -19.64
CA THR A 366 -20.42 -19.05 -20.54
C THR A 366 -20.67 -17.74 -19.80
N ASN A 367 -19.56 -17.12 -19.43
CA ASN A 367 -19.61 -15.86 -18.69
C ASN A 367 -20.31 -14.78 -19.50
N ASP A 368 -20.65 -13.67 -18.82
CA ASP A 368 -21.41 -12.60 -19.46
C ASP A 368 -20.61 -11.95 -20.59
N LEU A 369 -19.31 -11.70 -20.37
CA LEU A 369 -18.48 -11.06 -21.37
C LEU A 369 -18.14 -11.98 -22.54
N GLY A 370 -18.71 -13.19 -22.60
CA GLY A 370 -18.42 -14.13 -23.65
C GLY A 370 -17.42 -15.21 -23.30
N LEU A 371 -16.85 -15.18 -22.10
CA LEU A 371 -15.88 -16.18 -21.70
C LEU A 371 -16.58 -17.50 -21.41
N THR A 372 -16.07 -18.59 -22.00
CA THR A 372 -16.65 -19.91 -21.85
C THR A 372 -15.60 -20.85 -21.28
N GLU A 373 -15.80 -21.29 -20.05
CA GLU A 373 -14.91 -22.23 -19.38
C GLU A 373 -15.58 -23.59 -19.33
N ARG A 374 -14.94 -24.60 -19.93
CA ARG A 374 -15.50 -25.93 -20.04
C ARG A 374 -14.88 -26.87 -19.02
N TYR A 375 -15.67 -27.85 -18.58
CA TYR A 375 -15.20 -28.86 -17.64
C TYR A 375 -15.66 -30.23 -18.13
N GLU A 376 -14.76 -31.21 -18.05
CA GLU A 376 -15.07 -32.58 -18.47
C GLU A 376 -14.67 -33.54 -17.37
N TYR A 377 -15.62 -34.38 -16.95
CA TYR A 377 -15.41 -35.38 -15.92
C TYR A 377 -15.18 -36.75 -16.58
N GLN A 378 -14.22 -37.50 -16.05
CA GLN A 378 -13.82 -38.75 -16.69
C GLN A 378 -14.93 -39.80 -16.71
N ASP A 379 -15.29 -40.33 -15.54
CA ASP A 379 -16.35 -41.34 -15.48
C ASP A 379 -17.30 -41.24 -14.29
N GLN A 380 -16.96 -40.50 -13.22
CA GLN A 380 -17.74 -40.53 -11.99
C GLN A 380 -17.87 -39.12 -11.41
N HIS A 381 -18.17 -38.15 -12.27
CA HIS A 381 -18.36 -36.76 -11.87
C HIS A 381 -17.12 -36.18 -11.18
N LEU A 382 -15.96 -36.76 -11.47
CA LEU A 382 -14.69 -36.27 -10.95
C LEU A 382 -13.99 -35.49 -12.04
N ILE A 383 -13.51 -34.29 -11.71
CA ILE A 383 -12.94 -33.40 -12.71
C ILE A 383 -11.75 -34.07 -13.38
N ALA A 384 -11.84 -34.24 -14.70
CA ALA A 384 -10.76 -34.81 -15.49
C ALA A 384 -10.01 -33.77 -16.31
N LYS A 385 -10.70 -32.75 -16.82
CA LYS A 385 -10.03 -31.69 -17.54
C LYS A 385 -10.85 -30.41 -17.46
N ARG A 386 -10.16 -29.28 -17.55
CA ARG A 386 -10.79 -27.97 -17.54
C ARG A 386 -10.12 -27.10 -18.60
N VAL A 387 -10.94 -26.36 -19.34
CA VAL A 387 -10.47 -25.50 -20.43
C VAL A 387 -10.93 -24.08 -20.14
N ARG A 388 -9.96 -23.18 -19.97
CA ARG A 388 -10.27 -21.77 -19.78
C ARG A 388 -10.72 -21.14 -21.09
N PRO A 389 -11.45 -20.02 -21.03
CA PRO A 389 -11.87 -19.37 -22.28
C PRO A 389 -10.71 -18.90 -23.14
N THR A 390 -9.65 -18.37 -22.53
CA THR A 390 -8.49 -17.94 -23.30
C THR A 390 -7.69 -19.14 -23.80
N GLY A 391 -7.64 -20.21 -23.02
CA GLY A 391 -6.90 -21.40 -23.40
C GLY A 391 -6.13 -22.00 -22.25
N PHE A 392 -5.04 -22.69 -22.56
CA PHE A 392 -4.18 -23.32 -21.55
C PHE A 392 -4.97 -24.29 -20.67
N THR A 393 -5.48 -25.33 -21.31
CA THR A 393 -6.28 -26.32 -20.61
C THR A 393 -5.43 -27.08 -19.59
N HIS A 394 -6.09 -27.62 -18.57
CA HIS A 394 -5.44 -28.37 -17.51
C HIS A 394 -6.07 -29.75 -17.42
N TYR A 395 -5.24 -30.79 -17.45
CA TYR A 395 -5.69 -32.16 -17.38
C TYR A 395 -5.54 -32.71 -15.97
N PHE A 396 -6.28 -33.78 -15.68
CA PHE A 396 -6.24 -34.41 -14.38
C PHE A 396 -6.32 -35.91 -14.55
N GLU A 397 -5.61 -36.64 -13.68
CA GLU A 397 -5.64 -38.09 -13.65
C GLU A 397 -5.85 -38.55 -12.21
N TRP A 398 -6.48 -39.71 -12.06
CA TRP A 398 -6.81 -40.26 -10.76
C TRP A 398 -6.29 -41.70 -10.67
N SER A 399 -6.08 -42.16 -9.44
CA SER A 399 -5.60 -43.51 -9.18
C SER A 399 -6.58 -44.32 -8.33
N GLY A 400 -7.74 -43.77 -7.99
CA GLY A 400 -8.70 -44.48 -7.18
C GLY A 400 -10.12 -44.41 -7.73
N GLU A 401 -11.08 -44.92 -6.97
CA GLU A 401 -12.47 -44.92 -7.37
C GLU A 401 -13.32 -44.28 -6.28
N GLY A 402 -14.35 -43.54 -6.69
CA GLY A 402 -15.22 -42.91 -5.72
C GLY A 402 -14.55 -41.76 -5.00
N SER A 403 -14.98 -41.54 -3.75
CA SER A 403 -14.44 -40.45 -2.94
C SER A 403 -13.04 -40.73 -2.44
N SER A 404 -12.54 -41.96 -2.57
CA SER A 404 -11.20 -42.33 -2.13
C SER A 404 -10.17 -42.22 -3.25
N ALA A 405 -10.47 -41.46 -4.30
CA ALA A 405 -9.54 -41.31 -5.41
C ALA A 405 -8.52 -40.22 -5.11
N LYS A 406 -7.26 -40.51 -5.44
CA LYS A 406 -6.15 -39.59 -5.22
C LYS A 406 -5.75 -38.97 -6.56
N CYS A 407 -5.86 -37.66 -6.65
CA CYS A 407 -5.49 -36.97 -7.88
C CYS A 407 -3.98 -36.91 -8.02
N ILE A 408 -3.47 -37.34 -9.17
CA ILE A 408 -2.04 -37.36 -9.45
C ILE A 408 -1.78 -36.82 -10.85
N ARG A 409 -0.57 -36.31 -11.04
CA ARG A 409 -0.10 -35.81 -12.33
C ARG A 409 -1.02 -34.70 -12.86
N ASN A 410 -1.05 -33.60 -12.11
CA ASN A 410 -1.84 -32.42 -12.50
C ASN A 410 -1.13 -31.71 -13.64
N PHE A 411 -1.65 -31.86 -14.86
CA PHE A 411 -1.02 -31.27 -16.03
C PHE A 411 -1.38 -29.79 -16.15
N GLY A 412 -0.38 -28.97 -16.46
CA GLY A 412 -0.60 -27.56 -16.67
C GLY A 412 -0.16 -27.12 -18.06
N ASP A 413 -0.65 -25.97 -18.52
CA ASP A 413 -0.32 -25.50 -19.85
C ASP A 413 0.04 -24.02 -19.94
N SER A 414 -0.26 -23.20 -18.92
CA SER A 414 0.03 -21.78 -19.01
C SER A 414 1.50 -21.49 -18.77
N GLY A 415 1.99 -21.80 -17.57
CA GLY A 415 3.39 -21.60 -17.26
C GLY A 415 4.03 -22.84 -16.67
N ILE A 416 3.21 -23.76 -16.16
CA ILE A 416 3.68 -24.98 -15.55
C ILE A 416 3.52 -26.13 -16.54
N TYR A 417 4.36 -27.16 -16.37
CA TYR A 417 4.29 -28.33 -17.23
C TYR A 417 4.47 -29.64 -16.48
N ASP A 418 4.60 -29.61 -15.16
CA ASP A 418 4.82 -30.84 -14.40
C ASP A 418 4.44 -30.66 -12.93
N TYR A 419 3.48 -31.46 -12.46
CA TYR A 419 3.07 -31.43 -11.05
C TYR A 419 2.72 -32.87 -10.67
N ARG A 420 3.68 -33.57 -10.09
CA ARG A 420 3.51 -34.96 -9.70
C ARG A 420 3.27 -35.06 -8.19
N PHE A 421 2.42 -36.02 -7.82
CA PHE A 421 2.08 -36.27 -6.42
C PHE A 421 2.24 -37.75 -6.13
N HIS A 422 3.04 -38.08 -5.13
CA HIS A 422 3.31 -39.46 -4.76
C HIS A 422 2.85 -39.71 -3.33
N TYR A 423 2.16 -40.82 -3.12
CA TYR A 423 1.63 -41.19 -1.81
C TYR A 423 2.30 -42.48 -1.33
N GLU A 424 2.35 -42.65 -0.01
CA GLU A 424 2.94 -43.84 0.58
C GLU A 424 2.12 -44.37 1.75
N GLY A 425 0.91 -43.85 1.96
CA GLY A 425 0.08 -44.29 3.05
C GLY A 425 0.29 -43.50 4.32
N ALA A 426 1.53 -43.05 4.55
CA ALA A 426 1.87 -42.25 5.72
C ALA A 426 2.50 -40.92 5.39
N LYS A 427 3.11 -40.75 4.22
CA LYS A 427 3.71 -39.49 3.80
C LYS A 427 3.25 -39.17 2.39
N SER A 428 3.52 -37.93 1.97
CA SER A 428 3.11 -37.48 0.64
C SER A 428 4.18 -36.54 0.10
N SER A 429 4.64 -36.81 -1.12
CA SER A 429 5.65 -35.99 -1.78
C SER A 429 5.04 -35.27 -2.96
N TYR A 430 5.40 -33.99 -3.11
CA TYR A 430 4.90 -33.17 -4.21
C TYR A 430 6.06 -32.68 -5.06
N SER A 431 6.01 -32.96 -6.35
CA SER A 431 7.02 -32.53 -7.28
C SER A 431 6.64 -31.17 -7.86
N ASP A 432 7.47 -30.64 -8.76
CA ASP A 432 7.23 -29.34 -9.38
C ASP A 432 7.84 -29.34 -10.78
N SER A 433 7.59 -28.25 -11.50
CA SER A 433 8.15 -28.10 -12.84
C SER A 433 9.63 -27.77 -12.84
N LEU A 434 10.20 -27.44 -11.68
CA LEU A 434 11.62 -27.14 -11.55
C LEU A 434 12.35 -28.19 -10.71
N ASP A 435 11.79 -29.40 -10.64
CA ASP A 435 12.35 -30.51 -9.86
C ASP A 435 12.52 -30.11 -8.40
N ASN A 436 11.39 -29.79 -7.77
CA ASN A 436 11.35 -29.41 -6.36
C ASN A 436 10.22 -30.17 -5.69
N GLU A 437 10.54 -30.92 -4.65
CA GLU A 437 9.57 -31.76 -3.96
C GLU A 437 9.44 -31.33 -2.50
N TRP A 438 8.19 -31.27 -2.03
CA TRP A 438 7.89 -30.98 -0.63
C TRP A 438 7.27 -32.23 0.00
N THR A 439 7.63 -32.48 1.26
CA THR A 439 7.19 -33.67 1.97
C THR A 439 6.18 -33.28 3.04
N PHE A 440 5.12 -34.08 3.17
CA PHE A 440 4.10 -33.89 4.20
C PHE A 440 3.90 -35.20 4.94
N ILE A 441 4.01 -35.15 6.26
CA ILE A 441 3.85 -36.32 7.12
C ILE A 441 2.69 -36.05 8.08
N HIS A 442 1.65 -36.87 7.98
CA HIS A 442 0.46 -36.74 8.80
C HIS A 442 0.33 -37.94 9.73
N ASP A 443 -0.57 -37.81 10.70
CA ASP A 443 -0.89 -38.89 11.62
C ASP A 443 -2.01 -39.75 11.03
N GLU A 444 -2.60 -40.61 11.86
CA GLU A 444 -3.70 -41.47 11.43
C GLU A 444 -4.95 -40.70 11.05
N GLN A 445 -4.96 -39.38 11.22
CA GLN A 445 -6.11 -38.56 10.85
C GLN A 445 -5.66 -37.44 9.92
N GLY A 446 -6.56 -36.49 9.64
CA GLY A 446 -6.23 -35.37 8.78
C GLY A 446 -5.32 -34.31 9.38
N HIS A 447 -4.82 -34.55 10.59
CA HIS A 447 -3.96 -33.57 11.26
C HIS A 447 -2.59 -33.54 10.59
N LEU A 448 -2.15 -32.36 10.17
CA LEU A 448 -0.83 -32.20 9.58
C LEU A 448 0.22 -32.14 10.68
N LEU A 449 1.18 -33.05 10.65
CA LEU A 449 2.20 -33.13 11.67
C LEU A 449 3.50 -32.44 11.26
N GLU A 450 4.06 -32.81 10.10
CA GLU A 450 5.35 -32.29 9.67
C GLU A 450 5.29 -31.87 8.22
N LYS A 451 5.94 -30.76 7.90
CA LYS A 451 6.06 -30.27 6.54
C LYS A 451 7.53 -29.93 6.26
N SER A 452 8.12 -30.62 5.30
CA SER A 452 9.54 -30.48 4.99
C SER A 452 9.71 -29.89 3.60
N SER A 453 10.54 -28.85 3.50
CA SER A 453 10.96 -28.11 2.31
C SER A 453 12.17 -28.78 1.67
N PRO A 454 12.29 -28.71 0.33
CA PRO A 454 13.47 -29.31 -0.32
C PRO A 454 14.79 -28.67 0.08
N THR A 455 14.76 -27.47 0.65
CA THR A 455 16.01 -26.82 1.07
C THR A 455 16.44 -27.29 2.45
N GLY A 456 15.49 -27.55 3.34
CA GLY A 456 15.82 -28.00 4.68
C GLY A 456 14.91 -27.43 5.75
N ARG A 457 14.04 -26.49 5.38
CA ARG A 457 13.11 -25.90 6.33
C ARG A 457 12.03 -26.90 6.71
N THR A 458 11.84 -27.10 8.01
CA THR A 458 10.88 -28.07 8.53
C THR A 458 9.95 -27.39 9.53
N TRP A 459 8.64 -27.50 9.29
CA TRP A 459 7.63 -27.02 10.21
C TRP A 459 6.98 -28.21 10.90
N GLN A 460 6.76 -28.09 12.21
CA GLN A 460 6.18 -29.17 13.00
C GLN A 460 5.00 -28.65 13.81
N TRP A 461 4.03 -29.53 14.04
CA TRP A 461 2.85 -29.20 14.82
C TRP A 461 2.59 -30.29 15.85
N HIS A 462 2.01 -29.87 16.98
CA HIS A 462 1.66 -30.79 18.06
C HIS A 462 0.30 -30.38 18.60
N TYR A 463 -0.64 -31.31 18.59
CA TYR A 463 -2.02 -31.06 19.01
C TYR A 463 -2.21 -31.45 20.47
N ASP A 464 -3.34 -31.01 21.03
CA ASP A 464 -3.70 -31.27 22.42
C ASP A 464 -4.67 -32.43 22.56
N HIS A 465 -4.58 -33.41 21.67
CA HIS A 465 -5.42 -34.62 21.66
C HIS A 465 -6.91 -34.30 21.76
N LEU A 466 -7.32 -33.12 21.29
CA LEU A 466 -8.72 -32.71 21.32
C LEU A 466 -9.22 -32.21 19.97
N GLY A 467 -8.34 -32.04 18.99
CA GLY A 467 -8.71 -31.57 17.68
C GLY A 467 -8.12 -30.23 17.29
N ARG A 468 -7.69 -29.44 18.27
CA ARG A 468 -7.09 -28.14 18.02
C ARG A 468 -5.57 -28.21 18.18
N LYS A 469 -4.88 -27.20 17.65
CA LYS A 469 -3.44 -27.15 17.72
C LYS A 469 -2.98 -26.58 19.05
N GLU A 470 -1.84 -27.08 19.53
CA GLU A 470 -1.29 -26.68 20.82
C GLU A 470 0.09 -26.02 20.70
N LYS A 471 0.98 -26.60 19.89
CA LYS A 471 2.34 -26.08 19.77
C LYS A 471 2.77 -26.14 18.30
N ALA A 472 3.53 -25.12 17.90
CA ALA A 472 4.06 -25.03 16.54
C ALA A 472 5.56 -24.77 16.62
N VAL A 473 6.32 -25.50 15.81
CA VAL A 473 7.77 -25.39 15.76
C VAL A 473 8.18 -24.97 14.36
N PHE A 474 8.87 -23.84 14.27
CA PHE A 474 9.37 -23.31 13.01
C PHE A 474 10.67 -23.99 12.64
N PRO A 475 11.17 -23.77 11.40
CA PRO A 475 12.49 -24.29 11.05
C PRO A 475 13.59 -23.87 12.02
N ASP A 476 13.53 -22.66 12.56
CA ASP A 476 14.48 -22.24 13.58
C ASP A 476 14.06 -22.79 14.95
N ASN A 477 15.01 -22.75 15.89
CA ASN A 477 14.80 -23.30 17.22
C ASN A 477 13.92 -22.35 18.03
N SER A 478 12.62 -22.39 17.72
CA SER A 478 11.62 -21.59 18.43
C SER A 478 10.31 -22.34 18.47
N THR A 479 9.54 -22.10 19.51
CA THR A 479 8.25 -22.75 19.72
C THR A 479 7.18 -21.71 20.02
N THR A 480 5.98 -21.94 19.51
CA THR A 480 4.83 -21.08 19.76
C THR A 480 3.71 -21.93 20.35
N GLN A 481 3.30 -21.60 21.57
CA GLN A 481 2.29 -22.37 22.28
C GLN A 481 0.98 -21.59 22.35
N TYR A 482 -0.13 -22.34 22.39
CA TYR A 482 -1.46 -21.76 22.50
C TYR A 482 -2.13 -22.25 23.77
N GLN A 483 -2.99 -21.40 24.33
CA GLN A 483 -3.71 -21.72 25.56
C GLN A 483 -5.16 -21.28 25.39
N TYR A 484 -6.08 -22.21 25.56
CA TYR A 484 -7.51 -21.96 25.42
C TYR A 484 -8.17 -21.97 26.80
N ASN A 485 -9.50 -21.85 26.79
CA ASN A 485 -10.31 -21.87 27.99
C ASN A 485 -11.35 -22.98 27.88
N GLN A 486 -12.27 -23.02 28.85
CA GLN A 486 -13.34 -24.02 28.86
C GLN A 486 -14.40 -23.76 27.81
N GLN A 487 -14.32 -22.66 27.06
CA GLN A 487 -15.29 -22.33 26.03
C GLN A 487 -14.82 -22.72 24.63
N GLY A 488 -13.59 -23.20 24.49
CA GLY A 488 -13.08 -23.61 23.19
C GLY A 488 -12.51 -22.49 22.34
N GLN A 489 -12.35 -21.29 22.90
CA GLN A 489 -11.84 -20.15 22.16
C GLN A 489 -10.36 -19.93 22.45
N LEU A 490 -9.69 -19.26 21.51
CA LEU A 490 -8.27 -18.97 21.64
C LEU A 490 -8.08 -17.83 22.63
N ILE A 491 -7.43 -18.13 23.76
CA ILE A 491 -7.25 -17.16 24.84
C ILE A 491 -5.89 -16.49 24.77
N SER A 492 -4.81 -17.27 24.67
CA SER A 492 -3.48 -16.69 24.68
C SER A 492 -2.57 -17.46 23.72
N LYS A 493 -1.58 -16.74 23.20
CA LYS A 493 -0.54 -17.35 22.35
C LYS A 493 0.80 -16.78 22.77
N LEU A 494 1.73 -17.67 23.12
CA LEU A 494 3.03 -17.28 23.66
C LEU A 494 4.14 -17.77 22.74
N HIS A 495 5.07 -16.88 22.42
CA HIS A 495 6.23 -17.21 21.61
C HIS A 495 7.44 -17.49 22.49
N SER A 496 8.33 -18.35 22.01
CA SER A 496 9.52 -18.70 22.76
C SER A 496 10.47 -17.51 22.86
N SER A 497 10.84 -17.17 24.10
CA SER A 497 11.74 -16.04 24.38
C SER A 497 11.21 -14.75 23.77
N GLY A 498 10.01 -14.37 24.21
CA GLY A 498 9.39 -13.15 23.71
C GLY A 498 8.16 -12.76 24.50
N ALA A 499 7.22 -12.09 23.84
CA ALA A 499 5.98 -11.65 24.47
C ALA A 499 4.85 -12.61 24.10
N GLN A 500 3.65 -12.28 24.57
CA GLN A 500 2.47 -13.10 24.32
C GLN A 500 1.29 -12.22 23.97
N ILE A 501 0.38 -12.76 23.16
CA ILE A 501 -0.84 -12.06 22.77
C ILE A 501 -2.01 -12.70 23.53
N GLN A 502 -2.91 -11.85 24.02
CA GLN A 502 -4.04 -12.29 24.83
C GLN A 502 -5.32 -11.68 24.28
N TYR A 503 -6.27 -12.54 23.90
CA TYR A 503 -7.56 -12.12 23.41
C TYR A 503 -8.64 -12.40 24.44
N GLY A 504 -9.77 -11.73 24.27
CA GLY A 504 -10.90 -11.89 25.16
C GLY A 504 -12.23 -11.64 24.46
N TYR A 505 -13.16 -12.58 24.59
CA TYR A 505 -14.43 -12.53 23.89
C TYR A 505 -15.58 -12.31 24.88
N ASP A 506 -16.77 -12.13 24.32
CA ASP A 506 -17.98 -11.94 25.09
C ASP A 506 -18.77 -13.25 25.12
N SER A 507 -20.00 -13.19 25.66
CA SER A 507 -20.84 -14.38 25.72
C SER A 507 -21.23 -14.87 24.33
N LEU A 508 -21.27 -13.97 23.34
CA LEU A 508 -21.60 -14.38 21.98
C LEU A 508 -20.47 -15.17 21.35
N GLY A 509 -19.24 -14.66 21.42
CA GLY A 509 -18.10 -15.35 20.86
C GLY A 509 -17.30 -14.51 19.88
N LYS A 510 -17.52 -13.19 19.91
CA LYS A 510 -16.82 -12.27 19.03
C LYS A 510 -15.64 -11.64 19.77
N LEU A 511 -14.65 -11.20 18.99
CA LEU A 511 -13.46 -10.58 19.57
C LEU A 511 -13.82 -9.23 20.18
N VAL A 512 -13.62 -9.09 21.48
CA VAL A 512 -13.97 -7.88 22.19
C VAL A 512 -12.75 -7.14 22.75
N LYS A 513 -11.70 -7.85 23.14
CA LYS A 513 -10.51 -7.22 23.69
C LYS A 513 -9.27 -7.94 23.19
N THR A 514 -8.22 -7.17 22.92
CA THR A 514 -6.95 -7.73 22.47
C THR A 514 -5.80 -6.96 23.09
N VAL A 515 -4.81 -7.68 23.62
CA VAL A 515 -3.66 -7.08 24.26
C VAL A 515 -2.46 -7.16 23.32
N SER A 516 -1.77 -6.05 23.14
CA SER A 516 -0.59 -5.97 22.30
C SER A 516 0.66 -6.32 23.10
N PRO A 517 1.73 -6.76 22.43
CA PRO A 517 2.96 -7.09 23.16
C PRO A 517 3.63 -5.90 23.83
N ASP A 518 3.24 -4.68 23.48
CA ASP A 518 3.81 -3.47 24.06
C ASP A 518 2.98 -2.91 25.22
N GLY A 519 1.89 -3.59 25.59
CA GLY A 519 1.08 -3.16 26.70
C GLY A 519 -0.09 -2.26 26.36
N ASP A 520 -0.45 -2.14 25.08
CA ASP A 520 -1.57 -1.32 24.64
C ASP A 520 -2.74 -2.22 24.31
N LEU A 521 -3.86 -2.03 25.03
CA LEU A 521 -5.05 -2.84 24.83
C LEU A 521 -6.01 -2.16 23.87
N GLU A 522 -6.75 -2.98 23.12
CA GLU A 522 -7.75 -2.50 22.18
C GLU A 522 -9.06 -3.22 22.44
N LYS A 523 -10.11 -2.45 22.71
CA LYS A 523 -11.41 -3.02 23.07
C LYS A 523 -12.51 -2.30 22.30
N ALA A 524 -13.68 -2.92 22.26
CA ALA A 524 -14.85 -2.37 21.59
C ALA A 524 -16.10 -2.91 22.28
N TYR A 525 -17.25 -2.72 21.65
CA TYR A 525 -18.52 -3.18 22.20
C TYR A 525 -19.46 -3.50 21.07
N TYR A 526 -20.15 -4.63 21.17
CA TYR A 526 -21.10 -5.08 20.16
C TYR A 526 -22.51 -5.08 20.74
N ASN A 527 -23.45 -4.52 19.98
CA ASN A 527 -24.84 -4.46 20.41
C ASN A 527 -25.50 -5.81 20.23
N SER A 528 -26.76 -5.92 20.65
CA SER A 528 -27.51 -7.16 20.53
C SER A 528 -27.90 -7.48 19.09
N LEU A 529 -27.70 -6.55 18.16
CA LEU A 529 -28.03 -6.76 16.75
C LEU A 529 -26.78 -6.85 15.88
N GLY A 530 -25.60 -6.97 16.49
CA GLY A 530 -24.36 -7.07 15.74
C GLY A 530 -23.69 -5.76 15.41
N GLN A 531 -24.25 -4.63 15.85
CA GLN A 531 -23.65 -3.34 15.58
C GLN A 531 -22.51 -3.06 16.54
N ARG A 532 -21.42 -2.50 16.01
CA ARG A 532 -20.22 -2.21 16.79
C ARG A 532 -20.25 -0.75 17.21
N VAL A 533 -20.23 -0.50 18.52
CA VAL A 533 -20.22 0.84 19.08
C VAL A 533 -19.15 0.91 20.16
N TRP A 534 -18.83 2.14 20.57
CA TRP A 534 -17.85 2.41 21.64
C TRP A 534 -16.50 1.79 21.30
N ASP A 535 -15.90 2.29 20.22
CA ASP A 535 -14.61 1.80 19.75
C ASP A 535 -13.49 2.59 20.41
N ILE A 536 -12.42 1.87 20.78
CA ILE A 536 -11.25 2.46 21.41
C ILE A 536 -10.01 1.89 20.74
N ASP A 537 -9.16 2.75 20.19
CA ASP A 537 -7.96 2.31 19.49
C ASP A 537 -6.84 2.08 20.50
N ALA A 538 -5.63 1.82 19.99
CA ALA A 538 -4.49 1.56 20.86
C ALA A 538 -4.02 2.84 21.55
N LEU A 539 -3.92 3.94 20.80
CA LEU A 539 -3.48 5.21 21.38
C LEU A 539 -4.49 5.77 22.36
N GLY A 540 -5.77 5.41 22.24
CA GLY A 540 -6.79 5.89 23.14
C GLY A 540 -7.65 6.98 22.54
N CYS A 541 -8.83 6.61 22.07
CA CYS A 541 -9.76 7.56 21.47
C CYS A 541 -11.15 6.95 21.47
N VAL A 542 -12.07 7.57 22.21
CA VAL A 542 -13.44 7.07 22.30
C VAL A 542 -14.17 7.42 21.01
N THR A 543 -14.61 6.39 20.29
CA THR A 543 -15.36 6.55 19.05
C THR A 543 -16.79 6.10 19.29
N GLU A 544 -17.74 7.00 19.04
CA GLU A 544 -19.15 6.75 19.28
C GLU A 544 -19.84 6.50 17.94
N TYR A 545 -20.34 5.29 17.74
CA TYR A 545 -21.08 4.93 16.54
C TYR A 545 -22.57 5.20 16.72
N GLU A 546 -23.23 5.54 15.62
CA GLU A 546 -24.67 5.81 15.63
C GLU A 546 -25.28 5.18 14.39
N TYR A 547 -26.34 4.39 14.59
CA TYR A 547 -27.00 3.67 13.51
C TYR A 547 -28.43 4.17 13.36
N ASP A 548 -28.96 4.07 12.15
CA ASP A 548 -30.31 4.50 11.85
C ASP A 548 -31.28 3.35 12.07
N LYS A 549 -32.52 3.53 11.61
CA LYS A 549 -33.53 2.48 11.77
C LYS A 549 -33.23 1.27 10.91
N HIS A 550 -32.49 1.45 9.81
CA HIS A 550 -32.16 0.37 8.90
C HIS A 550 -30.87 -0.35 9.26
N GLY A 551 -30.19 0.07 10.33
CA GLY A 551 -28.98 -0.60 10.74
C GLY A 551 -27.74 -0.20 9.98
N GLN A 552 -27.58 1.09 9.68
CA GLN A 552 -26.41 1.60 8.98
C GLN A 552 -25.82 2.76 9.76
N VAL A 553 -24.49 2.81 9.82
CA VAL A 553 -23.80 3.87 10.53
C VAL A 553 -24.06 5.21 9.83
N VAL A 554 -24.29 6.25 10.63
CA VAL A 554 -24.63 7.56 10.08
C VAL A 554 -23.65 8.60 10.60
N LYS A 555 -23.07 8.37 11.78
CA LYS A 555 -22.22 9.37 12.42
C LYS A 555 -20.77 8.94 12.52
N ARG A 556 -20.47 7.81 13.17
CA ARG A 556 -19.11 7.37 13.43
C ARG A 556 -18.27 8.52 13.99
N GLU A 557 -18.71 9.03 15.15
CA GLU A 557 -18.13 10.22 15.75
C GLU A 557 -17.02 9.84 16.71
N SER A 558 -15.84 10.43 16.51
CA SER A 558 -14.70 10.25 17.40
C SER A 558 -14.55 11.49 18.28
N GLU A 559 -13.47 11.53 19.05
CA GLU A 559 -13.18 12.65 19.92
C GLU A 559 -12.36 13.70 19.19
N ASP A 560 -12.64 14.98 19.48
CA ASP A 560 -11.95 16.12 18.88
C ASP A 560 -12.07 16.08 17.36
N GLY A 561 -13.32 16.19 16.92
CA GLY A 561 -13.61 16.17 15.49
C GLY A 561 -13.47 14.78 14.89
N LYS A 562 -13.06 14.75 13.62
CA LYS A 562 -12.87 13.50 12.88
C LYS A 562 -14.15 12.66 12.87
N LYS A 563 -15.29 13.33 12.68
CA LYS A 563 -16.59 12.68 12.64
C LYS A 563 -17.14 12.73 11.22
N SER A 564 -17.54 11.57 10.70
CA SER A 564 -18.07 11.47 9.36
C SER A 564 -19.58 11.71 9.36
N ARG A 565 -20.15 11.78 8.16
CA ARG A 565 -21.59 11.95 7.98
C ARG A 565 -22.02 11.18 6.74
N TRP A 566 -23.10 10.43 6.86
CA TRP A 566 -23.63 9.65 5.76
C TRP A 566 -25.11 9.95 5.57
N TRP A 567 -25.54 10.06 4.32
CA TRP A 567 -26.93 10.30 3.98
C TRP A 567 -27.44 9.22 3.03
N TRP A 568 -28.66 8.76 3.28
CA TRP A 568 -29.29 7.72 2.48
C TRP A 568 -30.65 8.20 2.00
N ASP A 569 -31.12 7.59 0.92
CA ASP A 569 -32.40 7.91 0.30
C ASP A 569 -33.38 6.75 0.54
N LYS A 570 -34.56 6.86 -0.08
CA LYS A 570 -35.55 5.80 0.06
C LYS A 570 -35.04 4.47 -0.51
N GLN A 571 -34.17 4.52 -1.51
CA GLN A 571 -33.54 3.32 -2.04
C GLN A 571 -32.33 2.88 -1.24
N GLN A 572 -32.01 3.59 -0.15
CA GLN A 572 -30.90 3.24 0.73
C GLN A 572 -29.56 3.22 -0.02
N ARG A 573 -29.35 4.23 -0.85
CA ARG A 573 -28.10 4.41 -1.58
C ARG A 573 -27.33 5.58 -0.98
N LEU A 574 -26.00 5.54 -1.14
CA LEU A 574 -25.13 6.58 -0.61
C LEU A 574 -25.39 7.88 -1.37
N VAL A 575 -26.03 8.84 -0.71
CA VAL A 575 -26.36 10.11 -1.34
C VAL A 575 -25.29 11.16 -1.06
N ALA A 576 -24.88 11.29 0.20
CA ALA A 576 -23.88 12.29 0.58
C ALA A 576 -22.96 11.70 1.64
N HIS A 577 -21.68 11.99 1.50
CA HIS A 577 -20.66 11.51 2.44
C HIS A 577 -19.76 12.67 2.83
N GLU A 578 -19.45 12.76 4.12
CA GLU A 578 -18.63 13.83 4.65
C GLU A 578 -17.60 13.24 5.61
N VAL A 579 -16.37 13.75 5.54
CA VAL A 579 -15.27 13.30 6.39
C VAL A 579 -14.86 14.37 7.39
N ASP A 580 -14.42 15.53 6.89
CA ASP A 580 -13.99 16.62 7.75
C ASP A 580 -14.65 17.95 7.38
N GLY A 581 -15.69 17.94 6.56
CA GLY A 581 -16.35 19.15 6.14
C GLY A 581 -16.41 19.32 4.64
N THR A 582 -16.15 18.24 3.91
CA THR A 582 -16.19 18.29 2.45
C THR A 582 -17.62 18.34 1.95
N LEU A 583 -18.43 17.34 2.32
CA LEU A 583 -19.84 17.25 1.95
C LEU A 583 -19.99 17.22 0.42
N LEU A 584 -19.44 16.18 -0.18
CA LEU A 584 -19.57 15.97 -1.62
C LEU A 584 -20.79 15.10 -1.89
N ARG A 585 -21.47 15.37 -3.00
CA ARG A 585 -22.71 14.72 -3.35
C ARG A 585 -22.50 13.74 -4.49
N TYR A 586 -23.26 12.64 -4.46
CA TYR A 586 -23.23 11.63 -5.50
C TYR A 586 -24.59 11.56 -6.19
N SER A 587 -24.57 11.11 -7.45
CA SER A 587 -25.79 10.97 -8.23
C SER A 587 -25.67 9.74 -9.11
N TYR A 588 -26.69 8.90 -9.06
CA TYR A 588 -26.73 7.65 -9.82
C TYR A 588 -27.50 7.84 -11.12
N GLY A 589 -27.21 6.97 -12.08
CA GLY A 589 -27.90 7.01 -13.36
C GLY A 589 -29.18 6.21 -13.37
N ALA A 590 -29.37 5.38 -14.41
CA ALA A 590 -30.55 4.54 -14.52
C ALA A 590 -30.41 3.21 -13.82
N THR A 591 -29.19 2.82 -13.44
CA THR A 591 -28.92 1.57 -12.76
C THR A 591 -28.32 1.87 -11.38
N ASP A 592 -27.89 0.81 -10.69
CA ASP A 592 -27.30 0.96 -9.36
C ASP A 592 -25.83 1.34 -9.46
N LEU A 593 -25.53 2.41 -10.18
CA LEU A 593 -24.16 2.90 -10.35
C LEU A 593 -24.17 4.42 -10.32
N VAL A 594 -23.22 4.99 -9.59
CA VAL A 594 -23.11 6.44 -9.49
C VAL A 594 -22.44 6.98 -10.75
N ASN A 595 -23.10 7.94 -11.41
CA ASN A 595 -22.57 8.52 -12.64
C ASN A 595 -22.09 9.95 -12.48
N GLY A 596 -22.45 10.63 -11.40
CA GLY A 596 -22.02 12.01 -11.21
C GLY A 596 -21.56 12.32 -9.81
N ILE A 597 -20.52 13.14 -9.68
CA ILE A 597 -19.99 13.56 -8.39
C ILE A 597 -19.89 15.08 -8.39
N ALA A 598 -20.51 15.70 -7.39
CA ALA A 598 -20.53 17.15 -7.24
C ALA A 598 -19.75 17.54 -6.00
N TYR A 599 -18.66 18.29 -6.19
CA TYR A 599 -17.76 18.79 -5.16
C TYR A 599 -18.24 20.17 -4.68
N PRO A 600 -17.91 20.53 -3.42
CA PRO A 600 -18.41 21.80 -2.88
C PRO A 600 -17.76 23.04 -3.49
N ASP A 601 -16.77 22.90 -4.36
CA ASP A 601 -16.12 24.04 -4.99
C ASP A 601 -16.70 24.38 -6.36
N GLY A 602 -17.70 23.62 -6.82
CA GLY A 602 -18.33 23.83 -8.10
C GLY A 602 -17.97 22.82 -9.16
N CYS A 603 -16.91 22.04 -8.95
CA CYS A 603 -16.50 21.04 -9.93
C CYS A 603 -17.50 19.90 -9.99
N VAL A 604 -17.71 19.37 -11.19
CA VAL A 604 -18.62 18.26 -11.43
C VAL A 604 -17.90 17.23 -12.28
N ALA A 605 -17.88 15.98 -11.82
CA ALA A 605 -17.22 14.88 -12.52
C ALA A 605 -18.27 13.87 -12.96
N GLN A 606 -18.35 13.64 -14.27
CA GLN A 606 -19.29 12.68 -14.84
C GLN A 606 -18.54 11.47 -15.38
N ILE A 607 -19.13 10.30 -15.19
CA ILE A 607 -18.54 9.04 -15.64
C ILE A 607 -19.49 8.40 -16.64
N SER A 608 -18.95 8.00 -17.78
CA SER A 608 -19.70 7.35 -18.84
C SER A 608 -19.23 5.90 -18.95
N TYR A 609 -20.16 4.97 -18.76
CA TYR A 609 -19.89 3.53 -18.79
C TYR A 609 -20.36 2.94 -20.11
N ASP A 610 -20.05 1.66 -20.30
CA ASP A 610 -20.51 0.89 -21.43
C ASP A 610 -21.67 -0.01 -21.00
N ASP A 611 -22.12 -0.87 -21.91
CA ASP A 611 -23.25 -1.76 -21.63
C ASP A 611 -22.85 -2.97 -20.78
N TYR A 612 -21.56 -3.20 -20.57
CA TYR A 612 -21.09 -4.29 -19.72
C TYR A 612 -20.80 -3.86 -18.30
N GLY A 613 -21.07 -2.60 -17.95
CA GLY A 613 -20.84 -2.12 -16.61
C GLY A 613 -19.43 -1.68 -16.31
N ARG A 614 -18.59 -1.50 -17.33
CA ARG A 614 -17.21 -1.08 -17.15
C ARG A 614 -17.08 0.41 -17.41
N ARG A 615 -16.07 1.03 -16.78
CA ARG A 615 -15.84 2.45 -16.91
C ARG A 615 -15.14 2.74 -18.23
N THR A 616 -15.65 3.73 -18.97
CA THR A 616 -15.11 4.08 -20.28
C THR A 616 -14.57 5.50 -20.35
N SER A 617 -15.31 6.48 -19.82
CA SER A 617 -14.89 7.86 -19.94
C SER A 617 -15.13 8.61 -18.62
N ILE A 618 -14.25 9.57 -18.34
CA ILE A 618 -14.37 10.45 -17.18
C ILE A 618 -14.21 11.88 -17.67
N ARG A 619 -15.12 12.77 -17.28
CA ARG A 619 -15.10 14.14 -17.74
C ARG A 619 -15.34 15.07 -16.56
N TYR A 620 -14.40 16.00 -16.33
CA TYR A 620 -14.52 17.01 -15.31
C TYR A 620 -14.93 18.34 -15.94
N PHE A 621 -15.77 19.09 -15.24
CA PHE A 621 -16.23 20.37 -15.75
C PHE A 621 -16.67 21.25 -14.59
N ASN A 622 -16.26 22.51 -14.62
CA ASN A 622 -16.61 23.48 -13.60
C ASN A 622 -17.18 24.73 -14.25
N ASP A 623 -18.25 25.26 -13.67
CA ASP A 623 -18.90 26.43 -14.22
C ASP A 623 -18.23 27.71 -13.74
N GLU A 624 -18.52 28.80 -14.46
CA GLU A 624 -18.03 30.14 -14.15
C GLU A 624 -16.51 30.25 -14.25
N ASP A 625 -15.84 29.18 -14.67
CA ASP A 625 -14.40 29.20 -14.89
C ASP A 625 -13.97 28.55 -16.19
N LYS A 626 -14.78 27.68 -16.80
CA LYS A 626 -14.48 27.05 -18.08
C LYS A 626 -13.17 26.26 -18.01
N VAL A 627 -13.08 25.36 -17.03
CA VAL A 627 -11.92 24.51 -16.84
C VAL A 627 -12.37 23.06 -16.80
N GLY A 628 -11.56 22.19 -17.38
CA GLY A 628 -11.85 20.76 -17.37
C GLY A 628 -11.06 20.04 -18.44
N TYR A 629 -11.02 18.71 -18.27
CA TYR A 629 -10.34 17.83 -19.22
C TYR A 629 -11.12 16.53 -19.32
N SER A 630 -10.52 15.53 -19.94
CA SER A 630 -11.19 14.25 -20.17
C SER A 630 -10.18 13.12 -20.11
N GLU A 631 -10.68 11.93 -19.75
CA GLU A 631 -9.86 10.72 -19.72
C GLU A 631 -10.69 9.57 -20.28
N GLU A 632 -10.03 8.70 -21.07
CA GLU A 632 -10.72 7.61 -21.74
C GLU A 632 -9.96 6.31 -21.52
N TYR A 633 -10.70 5.20 -21.54
CA TYR A 633 -10.12 3.87 -21.42
C TYR A 633 -10.76 2.95 -22.45
N ALA A 634 -9.95 2.04 -22.98
CA ALA A 634 -10.41 1.03 -23.93
C ALA A 634 -9.87 -0.32 -23.49
N TYR A 635 -10.77 -1.28 -23.31
CA TYR A 635 -10.40 -2.59 -22.79
C TYR A 635 -9.92 -3.51 -23.91
N ASP A 636 -9.39 -4.67 -23.51
CA ASP A 636 -8.92 -5.67 -24.45
C ASP A 636 -10.09 -6.54 -24.92
N GLU A 637 -9.79 -7.67 -25.56
CA GLU A 637 -10.84 -8.55 -26.03
C GLU A 637 -11.68 -9.10 -24.88
N PHE A 638 -11.04 -9.75 -23.91
CA PHE A 638 -11.80 -10.48 -22.90
C PHE A 638 -12.07 -9.68 -21.63
N SER A 639 -11.03 -9.36 -20.86
CA SER A 639 -11.26 -8.73 -19.56
C SER A 639 -10.23 -7.70 -19.13
N ARG A 640 -9.25 -7.36 -19.96
CA ARG A 640 -8.14 -6.51 -19.53
C ARG A 640 -8.22 -5.15 -20.20
N VAL A 641 -7.50 -4.20 -19.61
CA VAL A 641 -7.40 -2.85 -20.17
C VAL A 641 -6.32 -2.84 -21.24
N ALA A 642 -6.63 -2.24 -22.39
CA ALA A 642 -5.72 -2.22 -23.53
C ALA A 642 -5.09 -0.85 -23.78
N GLN A 643 -5.86 0.23 -23.67
CA GLN A 643 -5.36 1.57 -23.97
C GLN A 643 -5.94 2.57 -22.99
N ILE A 644 -5.12 3.52 -22.56
CA ILE A 644 -5.54 4.60 -21.68
C ILE A 644 -5.16 5.91 -22.35
N GLN A 645 -6.14 6.78 -22.55
CA GLN A 645 -5.96 8.07 -23.20
C GLN A 645 -6.14 9.17 -22.15
N THR A 646 -5.05 9.87 -21.84
CA THR A 646 -5.03 10.96 -20.88
C THR A 646 -4.65 12.25 -21.60
N PRO A 647 -4.90 13.42 -20.99
CA PRO A 647 -4.45 14.67 -21.64
C PRO A 647 -2.95 14.72 -21.91
N GLU A 648 -2.15 13.97 -21.15
CA GLU A 648 -0.72 13.93 -21.42
C GLU A 648 -0.41 13.13 -22.67
N GLY A 649 -1.06 11.98 -22.84
CA GLY A 649 -0.83 11.17 -24.02
C GLY A 649 -1.63 9.87 -23.93
N VAL A 650 -1.21 8.90 -24.75
CA VAL A 650 -1.86 7.59 -24.80
C VAL A 650 -0.85 6.54 -24.39
N THR A 651 -1.34 5.49 -23.72
CA THR A 651 -0.51 4.39 -23.25
C THR A 651 -1.19 3.08 -23.58
N SER A 652 -0.44 2.15 -24.18
CA SER A 652 -0.98 0.88 -24.61
C SER A 652 -0.36 -0.27 -23.82
N TYR A 653 -1.09 -1.38 -23.73
CA TYR A 653 -0.63 -2.55 -22.99
C TYR A 653 -0.92 -3.81 -23.79
N GLN A 654 -0.07 -4.81 -23.62
CA GLN A 654 -0.23 -6.12 -24.26
C GLN A 654 0.02 -7.18 -23.21
N TRP A 655 -0.99 -8.00 -22.95
CA TRP A 655 -0.93 -9.06 -21.94
C TRP A 655 -0.63 -10.41 -22.59
N GLY A 656 -0.21 -11.36 -21.74
CA GLY A 656 0.11 -12.69 -22.21
C GLY A 656 -1.01 -13.68 -21.98
N ALA A 657 -2.25 -13.23 -22.13
CA ALA A 657 -3.46 -14.03 -21.97
C ALA A 657 -3.60 -14.62 -20.57
N LEU A 658 -2.77 -14.19 -19.62
CA LEU A 658 -2.84 -14.66 -18.24
C LEU A 658 -2.62 -13.53 -17.25
N ALA A 659 -2.99 -12.30 -17.65
CA ALA A 659 -2.78 -11.09 -16.83
C ALA A 659 -1.31 -10.95 -16.45
N GLN A 660 -0.46 -10.91 -17.47
CA GLN A 660 0.98 -10.80 -17.29
C GLN A 660 1.59 -9.53 -17.88
N GLN A 661 0.91 -8.87 -18.81
CA GLN A 661 1.37 -7.61 -19.40
C GLN A 661 2.75 -7.78 -20.04
N GLU A 662 2.78 -8.60 -21.10
CA GLU A 662 4.03 -8.91 -21.77
C GLU A 662 4.73 -7.66 -22.32
N ALA A 663 3.98 -6.59 -22.59
CA ALA A 663 4.61 -5.41 -23.15
C ALA A 663 3.80 -4.18 -22.79
N VAL A 664 4.48 -3.04 -22.70
CA VAL A 664 3.85 -1.75 -22.45
C VAL A 664 4.42 -0.74 -23.45
N ILE A 665 3.56 0.14 -23.95
CA ILE A 665 3.93 1.10 -24.99
C ILE A 665 3.58 2.49 -24.48
N PHE A 666 4.61 3.33 -24.34
CA PHE A 666 4.56 4.73 -23.97
C PHE A 666 4.74 5.61 -25.20
N PRO A 667 4.20 6.83 -25.18
CA PRO A 667 4.27 7.70 -26.35
C PRO A 667 5.70 8.02 -26.75
N ASP A 668 5.83 8.69 -27.90
CA ASP A 668 7.09 8.98 -28.55
C ASP A 668 7.82 7.70 -28.97
N GLY A 669 7.08 6.63 -29.23
CA GLY A 669 7.66 5.38 -29.68
C GLY A 669 8.47 4.64 -28.65
N SER A 670 7.97 4.57 -27.41
CA SER A 670 8.65 3.86 -26.35
C SER A 670 7.98 2.52 -26.08
N HIS A 671 8.78 1.47 -25.91
CA HIS A 671 8.23 0.15 -25.64
C HIS A 671 9.12 -0.57 -24.64
N ILE A 672 8.49 -1.19 -23.64
CA ILE A 672 9.18 -1.98 -22.63
C ILE A 672 8.57 -3.38 -22.63
N SER A 673 9.42 -4.39 -22.82
CA SER A 673 8.99 -5.78 -22.91
C SER A 673 9.40 -6.54 -21.65
N TYR A 674 8.55 -7.48 -21.25
CA TYR A 674 8.78 -8.33 -20.10
C TYR A 674 8.77 -9.79 -20.54
N GLU A 675 9.85 -10.51 -20.25
CA GLU A 675 9.97 -11.92 -20.57
C GLU A 675 9.98 -12.71 -19.26
N TYR A 676 8.99 -13.58 -19.09
CA TYR A 676 8.85 -14.41 -17.92
C TYR A 676 9.46 -15.79 -18.18
N ASP A 677 9.25 -16.71 -17.25
CA ASP A 677 9.75 -18.07 -17.38
C ASP A 677 8.76 -19.00 -16.67
N GLN A 678 9.18 -20.24 -16.40
CA GLN A 678 8.32 -21.18 -15.71
C GLN A 678 8.00 -20.67 -14.30
N GLN A 679 6.86 -21.13 -13.78
CA GLN A 679 6.28 -20.72 -12.51
C GLN A 679 5.89 -19.25 -12.48
N ARG A 680 5.84 -18.60 -13.65
CA ARG A 680 5.39 -17.21 -13.77
C ARG A 680 6.21 -16.26 -12.90
N ASN A 681 7.50 -16.18 -13.22
CA ASN A 681 8.43 -15.30 -12.54
C ASN A 681 9.03 -14.31 -13.53
N LEU A 682 9.13 -13.04 -13.11
CA LEU A 682 9.71 -12.01 -13.96
C LEU A 682 11.20 -12.27 -14.16
N THR A 683 11.58 -12.61 -15.38
CA THR A 683 12.96 -12.97 -15.69
C THR A 683 13.76 -11.84 -16.30
N LYS A 684 13.22 -11.18 -17.33
CA LYS A 684 13.97 -10.15 -18.04
C LYS A 684 13.06 -8.96 -18.36
N LEU A 685 13.63 -7.77 -18.27
CA LEU A 685 12.95 -6.52 -18.62
C LEU A 685 13.81 -5.82 -19.68
N VAL A 686 13.30 -5.72 -20.90
CA VAL A 686 14.04 -5.15 -22.03
C VAL A 686 13.45 -3.81 -22.41
N ARG A 687 14.31 -2.84 -22.69
CA ARG A 687 13.93 -1.51 -23.12
C ARG A 687 14.11 -1.39 -24.63
N SER A 688 13.94 -0.16 -25.13
CA SER A 688 14.04 0.08 -26.56
C SER A 688 15.49 0.18 -27.04
N ASP A 689 16.42 0.53 -26.16
CA ASP A 689 17.82 0.72 -26.54
C ASP A 689 18.65 -0.55 -26.42
N GLY A 690 18.04 -1.68 -26.08
CA GLY A 690 18.75 -2.93 -25.97
C GLY A 690 19.25 -3.27 -24.58
N LEU A 691 19.19 -2.35 -23.64
CA LEU A 691 19.62 -2.62 -22.28
C LEU A 691 18.58 -3.48 -21.56
N ALA A 692 19.06 -4.48 -20.83
CA ALA A 692 18.18 -5.46 -20.20
C ALA A 692 18.47 -5.56 -18.72
N PHE A 693 17.41 -5.69 -17.93
CA PHE A 693 17.49 -5.93 -16.50
C PHE A 693 17.10 -7.38 -16.24
N GLU A 694 18.03 -8.16 -15.71
CA GLU A 694 17.86 -9.60 -15.57
C GLU A 694 17.65 -9.99 -14.12
N PHE A 695 16.78 -10.97 -13.89
CA PHE A 695 16.52 -11.52 -12.58
C PHE A 695 16.80 -13.02 -12.59
N TRP A 696 17.17 -13.55 -11.43
CA TRP A 696 17.43 -14.98 -11.27
C TRP A 696 16.90 -15.41 -9.90
N TYR A 697 16.10 -16.46 -9.89
CA TYR A 697 15.49 -16.96 -8.67
C TYR A 697 16.03 -18.36 -8.36
N ASP A 698 15.95 -18.72 -7.08
CA ASP A 698 16.40 -20.01 -6.61
C ASP A 698 15.20 -20.98 -6.53
N SER A 699 15.42 -22.14 -5.93
CA SER A 699 14.36 -23.14 -5.80
C SER A 699 13.25 -22.70 -4.84
N GLU A 700 13.48 -21.69 -4.02
CA GLU A 700 12.48 -21.21 -3.08
C GLU A 700 11.64 -20.07 -3.63
N GLY A 701 11.84 -19.70 -4.89
CA GLY A 701 11.07 -18.63 -5.51
C GLY A 701 11.49 -17.23 -5.13
N LEU A 702 12.49 -17.07 -4.28
CA LEU A 702 12.97 -15.75 -3.89
C LEU A 702 14.01 -15.24 -4.87
N LEU A 703 14.29 -13.94 -4.79
CA LEU A 703 15.25 -13.31 -5.68
C LEU A 703 16.66 -13.72 -5.28
N SER A 704 17.27 -14.59 -6.09
CA SER A 704 18.61 -15.10 -5.82
C SER A 704 19.70 -14.32 -6.54
N GLY A 705 19.34 -13.41 -7.44
CA GLY A 705 20.33 -12.59 -8.10
C GLY A 705 19.67 -11.60 -9.04
N THR A 706 20.37 -10.49 -9.23
CA THR A 706 19.90 -9.43 -10.12
C THR A 706 21.07 -8.89 -10.92
N VAL A 707 20.77 -8.42 -12.14
CA VAL A 707 21.76 -7.84 -13.03
C VAL A 707 21.17 -6.60 -13.67
N GLY A 708 21.80 -5.45 -13.44
CA GLY A 708 21.32 -4.19 -13.96
C GLY A 708 21.64 -4.02 -15.43
N PHE A 709 21.38 -2.81 -15.92
CA PHE A 709 21.64 -2.49 -17.32
C PHE A 709 23.12 -2.40 -17.66
N ASP A 710 24.00 -2.35 -16.65
CA ASP A 710 25.44 -2.27 -16.88
C ASP A 710 26.20 -3.21 -15.96
N GLY A 711 25.57 -4.29 -15.51
CA GLY A 711 26.22 -5.25 -14.64
C GLY A 711 25.68 -5.23 -13.23
N LEU A 712 26.57 -5.03 -12.25
CA LEU A 712 26.20 -4.96 -10.84
C LEU A 712 25.51 -6.25 -10.38
N HIS A 713 26.24 -7.35 -10.47
CA HIS A 713 25.73 -8.64 -10.05
C HIS A 713 25.54 -8.67 -8.53
N SER A 714 24.61 -9.51 -8.08
CA SER A 714 24.28 -9.60 -6.66
C SER A 714 24.20 -11.08 -6.28
N GLN A 715 24.16 -11.31 -4.96
CA GLN A 715 24.06 -12.65 -4.41
C GLN A 715 22.76 -12.88 -3.65
N PHE A 716 22.38 -11.95 -2.77
CA PHE A 716 21.11 -12.00 -2.04
C PHE A 716 20.95 -13.32 -1.28
N LYS A 717 21.85 -13.54 -0.33
CA LYS A 717 21.78 -14.73 0.51
C LYS A 717 20.65 -14.60 1.52
N TYR A 718 19.89 -15.67 1.69
CA TYR A 718 18.75 -15.69 2.59
C TYR A 718 19.01 -16.62 3.77
N ASP A 719 18.13 -16.55 4.76
CA ASP A 719 18.21 -17.37 5.95
C ASP A 719 17.18 -18.50 5.87
N SER A 720 17.20 -19.38 6.88
CA SER A 720 16.28 -20.50 6.92
C SER A 720 14.84 -20.07 7.18
N MET A 721 14.61 -18.82 7.57
CA MET A 721 13.27 -18.32 7.83
C MET A 721 12.74 -17.41 6.73
N GLY A 722 13.59 -17.03 5.77
CA GLY A 722 13.18 -16.17 4.69
C GLY A 722 13.64 -14.73 4.80
N ARG A 723 14.73 -14.46 5.51
CA ARG A 723 15.26 -13.11 5.67
C ARG A 723 16.65 -13.03 5.04
N ILE A 724 16.95 -11.88 4.45
CA ILE A 724 18.24 -11.69 3.80
C ILE A 724 19.34 -11.59 4.84
N ILE A 725 20.48 -12.21 4.54
CA ILE A 725 21.65 -12.20 5.42
C ILE A 725 22.71 -11.22 4.92
N ARG A 726 23.07 -11.33 3.65
CA ARG A 726 24.07 -10.46 3.04
C ARG A 726 23.66 -10.13 1.62
N LYS A 727 24.00 -8.92 1.18
CA LYS A 727 23.69 -8.47 -0.16
C LYS A 727 24.78 -8.90 -1.14
N ASP A 728 26.02 -8.45 -0.90
CA ASP A 728 27.19 -8.80 -1.71
C ASP A 728 26.95 -8.47 -3.19
N VAL A 729 26.74 -7.19 -3.46
CA VAL A 729 26.51 -6.73 -4.84
C VAL A 729 27.89 -6.41 -5.42
N ALA A 730 28.59 -7.49 -5.80
CA ALA A 730 29.79 -7.47 -6.62
C ALA A 730 30.97 -6.73 -5.99
N ASP A 731 30.74 -6.03 -4.88
CA ASP A 731 31.83 -5.32 -4.21
C ASP A 731 31.81 -5.39 -2.69
N ARG A 732 30.67 -5.61 -2.05
CA ARG A 732 30.56 -5.41 -0.62
C ARG A 732 29.33 -6.13 -0.08
N THR A 733 29.49 -6.79 1.06
CA THR A 733 28.41 -7.44 1.76
C THR A 733 27.91 -6.54 2.90
N VAL A 734 26.70 -6.84 3.37
CA VAL A 734 26.10 -6.09 4.46
C VAL A 734 26.06 -6.89 5.76
N LEU A 735 25.97 -8.21 5.68
CA LEU A 735 26.03 -9.10 6.86
C LEU A 735 24.98 -8.71 7.90
N TYR A 736 23.72 -8.80 7.50
CA TYR A 736 22.63 -8.51 8.41
C TYR A 736 22.60 -9.55 9.54
N SER A 737 22.26 -9.08 10.74
CA SER A 737 22.12 -9.96 11.89
C SER A 737 20.87 -9.57 12.65
N TYR A 738 19.95 -10.52 12.81
CA TYR A 738 18.67 -10.26 13.42
C TYR A 738 18.73 -10.52 14.93
N ASP A 739 17.73 -9.98 15.63
CA ASP A 739 17.59 -10.14 17.07
C ASP A 739 17.14 -11.54 17.46
N ASP A 740 16.81 -12.38 16.47
CA ASP A 740 16.26 -13.72 16.65
C ASP A 740 14.85 -13.69 17.25
N ALA A 741 14.16 -12.56 17.12
CA ALA A 741 12.77 -12.44 17.56
C ALA A 741 11.86 -11.78 16.54
N GLY A 742 12.41 -11.24 15.45
CA GLY A 742 11.60 -10.62 14.42
C GLY A 742 12.01 -9.19 14.11
N PHE A 743 13.22 -8.80 14.50
CA PHE A 743 13.71 -7.45 14.28
C PHE A 743 15.19 -7.50 13.92
N LEU A 744 15.66 -6.42 13.31
CA LEU A 744 17.06 -6.29 12.92
C LEU A 744 17.89 -5.83 14.11
N GLN A 745 19.12 -6.34 14.18
CA GLN A 745 19.99 -6.04 15.32
C GLN A 745 21.33 -5.45 14.93
N HIS A 746 21.95 -5.91 13.85
CA HIS A 746 23.30 -5.50 13.52
C HIS A 746 23.51 -5.47 12.01
N ILE A 747 24.31 -4.50 11.56
CA ILE A 747 24.67 -4.35 10.16
C ILE A 747 26.16 -4.03 10.09
N LYS A 748 26.90 -4.80 9.29
CA LYS A 748 28.35 -4.64 9.16
C LYS A 748 28.73 -4.69 7.68
N ALA A 749 28.95 -3.53 7.08
CA ALA A 749 29.31 -3.42 5.67
C ALA A 749 30.78 -3.06 5.55
N GLY A 750 31.41 -3.47 4.45
CA GLY A 750 32.81 -3.20 4.24
C GLY A 750 33.21 -3.05 2.78
N ASN A 751 34.00 -2.02 2.48
CA ASN A 751 34.50 -1.81 1.12
C ASN A 751 35.88 -1.14 1.23
N GLY A 752 36.93 -1.94 1.02
CA GLY A 752 38.29 -1.44 1.06
C GLY A 752 38.70 -0.89 2.42
N LYS A 753 38.63 -1.73 3.45
CA LYS A 753 39.02 -1.36 4.82
C LYS A 753 38.20 -0.16 5.32
N ASN A 754 36.89 -0.32 5.28
CA ASN A 754 35.97 0.71 5.76
C ASN A 754 34.79 0.03 6.43
N ILE A 755 34.66 0.21 7.74
CA ILE A 755 33.61 -0.43 8.53
C ILE A 755 32.78 0.65 9.20
N VAL A 756 31.47 0.43 9.24
CA VAL A 756 30.53 1.35 9.88
C VAL A 756 30.04 0.79 11.22
N GLU A 757 29.76 -0.51 11.28
CA GLU A 757 29.40 -1.22 12.51
C GLU A 757 28.19 -0.55 13.20
N ASN A 758 27.06 -0.56 12.50
CA ASN A 758 25.83 -0.04 13.07
C ASN A 758 25.27 -1.00 14.11
N HIS A 759 24.49 -0.45 15.03
CA HIS A 759 23.91 -1.25 16.12
C HIS A 759 22.44 -0.87 16.29
N PHE A 760 21.57 -1.87 16.30
CA PHE A 760 20.14 -1.67 16.45
C PHE A 760 19.62 -2.52 17.61
N ASN A 761 18.71 -1.93 18.38
CA ASN A 761 18.07 -2.62 19.50
C ASN A 761 16.57 -2.40 19.43
N TYR A 762 15.81 -3.48 19.56
CA TYR A 762 14.37 -3.42 19.45
C TYR A 762 13.73 -4.12 20.64
N THR A 763 12.53 -3.68 20.98
CA THR A 763 11.75 -4.27 22.07
C THR A 763 10.70 -5.20 21.49
N LEU A 764 9.91 -5.82 22.38
CA LEU A 764 8.89 -6.76 21.98
C LEU A 764 7.69 -6.00 21.42
N GLY A 765 7.59 -5.92 20.10
CA GLY A 765 6.48 -5.24 19.45
C GLY A 765 6.82 -3.85 18.97
N GLY A 766 8.01 -3.69 18.37
CA GLY A 766 8.43 -2.39 17.90
C GLY A 766 9.07 -1.57 19.03
N ARG A 767 9.02 -0.25 18.86
CA ARG A 767 9.55 0.71 19.84
C ARG A 767 11.03 0.42 20.12
N LEU A 768 11.83 0.61 19.06
CA LEU A 768 13.26 0.35 19.16
C LEU A 768 13.92 1.17 20.27
N THR A 769 13.62 2.47 20.31
CA THR A 769 14.10 3.40 21.33
C THR A 769 15.61 3.48 21.41
N LEU A 770 16.34 2.93 20.45
CA LEU A 770 17.79 2.93 20.48
C LEU A 770 18.33 2.59 19.11
N ALA A 771 19.30 3.38 18.65
CA ALA A 771 20.00 3.12 17.39
C ALA A 771 21.43 3.63 17.57
N SER A 772 22.32 2.73 17.98
CA SER A 772 23.67 3.09 18.36
C SER A 772 24.60 3.07 17.14
N ASN A 773 25.49 4.05 17.08
CA ASN A 773 26.46 4.15 16.01
C ASN A 773 27.75 4.74 16.58
N ARG A 774 28.79 4.78 15.75
CA ARG A 774 30.08 5.29 16.18
C ARG A 774 30.08 6.80 16.37
N HIS A 775 29.03 7.51 15.94
CA HIS A 775 28.98 8.96 16.03
C HIS A 775 27.78 9.50 16.79
N GLN A 776 26.75 8.70 17.04
CA GLN A 776 25.55 9.17 17.71
C GLN A 776 25.03 8.08 18.64
N THR A 777 24.01 8.44 19.42
CA THR A 777 23.36 7.51 20.34
C THR A 777 21.93 7.18 19.93
N LEU A 778 21.11 8.22 19.70
CA LEU A 778 19.75 8.06 19.17
C LEU A 778 18.90 7.15 20.08
N GLN A 779 18.70 7.61 21.30
CA GLN A 779 17.86 6.91 22.27
C GLN A 779 16.53 7.65 22.43
N TYR A 780 15.44 6.90 22.40
CA TYR A 780 14.09 7.44 22.50
C TYR A 780 13.43 6.98 23.79
N GLN A 781 12.31 7.60 24.12
CA GLN A 781 11.57 7.30 25.34
C GLN A 781 10.07 7.36 25.08
N TYR A 782 9.36 6.40 25.66
CA TYR A 782 7.90 6.34 25.60
C TYR A 782 7.34 6.41 27.01
N SER A 783 6.24 7.15 27.17
CA SER A 783 5.61 7.34 28.47
C SER A 783 4.42 6.41 28.69
N SER A 784 3.44 6.49 27.80
CA SER A 784 2.23 5.66 27.92
C SER A 784 1.50 5.70 26.58
N PHE A 785 0.57 4.77 26.42
CA PHE A 785 -0.30 4.70 25.24
C PHE A 785 0.48 4.45 23.95
N GLY A 786 1.78 4.20 24.06
CA GLY A 786 2.60 3.90 22.91
C GLY A 786 3.12 5.08 22.13
N HIS A 787 2.91 6.31 22.62
CA HIS A 787 3.38 7.50 21.94
C HIS A 787 4.71 7.96 22.52
N LEU A 788 5.62 8.37 21.64
CA LEU A 788 6.93 8.83 22.08
C LEU A 788 6.82 10.17 22.79
N THR A 789 7.67 10.37 23.80
CA THR A 789 7.61 11.57 24.61
C THR A 789 8.96 12.23 24.84
N LYS A 790 10.05 11.66 24.33
CA LYS A 790 11.38 12.24 24.56
C LYS A 790 12.33 11.75 23.48
N ARG A 791 12.97 12.69 22.78
CA ARG A 791 13.98 12.39 21.78
C ARG A 791 15.34 12.85 22.30
N ILE A 792 16.23 11.89 22.57
CA ILE A 792 17.56 12.18 23.08
C ILE A 792 18.55 11.85 21.97
N GLN A 793 19.10 12.90 21.34
CA GLN A 793 20.05 12.75 20.25
C GLN A 793 21.37 13.37 20.68
N GLY A 794 22.36 12.52 20.96
CA GLY A 794 23.66 12.98 21.40
C GLY A 794 23.60 13.76 22.70
N GLN A 795 23.85 15.06 22.63
CA GLN A 795 23.79 15.94 23.79
C GLN A 795 22.56 16.84 23.77
N PHE A 796 21.57 16.51 22.94
CA PHE A 796 20.35 17.30 22.82
C PHE A 796 19.15 16.47 23.27
N GLU A 797 18.19 17.13 23.90
CA GLU A 797 17.01 16.48 24.45
C GLU A 797 15.77 17.31 24.09
N ILE A 798 14.82 16.67 23.42
CA ILE A 798 13.57 17.32 23.02
C ILE A 798 12.42 16.59 23.73
N GLY A 799 11.53 17.37 24.34
CA GLY A 799 10.40 16.83 25.06
C GLY A 799 9.08 17.03 24.32
N GLU A 800 8.03 16.46 24.90
CA GLU A 800 6.70 16.56 24.34
C GLU A 800 5.67 16.51 25.46
N GLU A 801 4.51 17.11 25.21
CA GLU A 801 3.42 17.22 26.18
C GLU A 801 2.12 16.75 25.56
N PHE A 802 2.14 15.55 24.97
CA PHE A 802 0.96 14.95 24.34
C PHE A 802 -0.26 15.04 25.24
N ASN A 803 -1.38 15.45 24.65
CA ASN A 803 -2.62 15.61 25.39
C ASN A 803 -3.30 14.27 25.63
N ARG A 804 -4.37 14.29 26.41
CA ARG A 804 -5.11 13.08 26.72
C ARG A 804 -5.92 12.58 25.53
N VAL A 805 -6.12 13.42 24.50
CA VAL A 805 -6.88 13.02 23.32
C VAL A 805 -6.00 12.44 22.22
N GLY A 806 -4.68 12.60 22.33
CA GLY A 806 -3.75 12.10 21.34
C GLY A 806 -2.97 13.18 20.62
N GLN A 807 -3.43 14.43 20.69
CA GLN A 807 -2.71 15.52 20.04
C GLN A 807 -1.50 15.93 20.88
N ARG A 808 -0.54 16.55 20.20
CA ARG A 808 0.68 17.03 20.83
C ARG A 808 0.69 18.55 20.87
N VAL A 809 1.06 19.11 22.01
CA VAL A 809 1.10 20.56 22.20
C VAL A 809 2.32 20.90 23.04
N SER A 810 2.80 22.14 22.88
CA SER A 810 3.90 22.68 23.66
C SER A 810 5.16 21.82 23.51
N GLN A 811 5.66 21.77 22.28
CA GLN A 811 6.90 21.04 22.01
C GLN A 811 8.09 21.79 22.59
N THR A 812 8.75 21.20 23.57
CA THR A 812 9.84 21.84 24.28
C THR A 812 11.16 21.53 23.57
N LEU A 813 11.93 22.57 23.30
CA LEU A 813 13.21 22.48 22.63
C LEU A 813 14.35 22.75 23.60
N PRO A 814 15.56 22.27 23.31
CA PRO A 814 16.69 22.55 24.23
C PRO A 814 17.05 24.02 24.33
N ASP A 815 16.58 24.86 23.41
CA ASP A 815 16.80 26.30 23.48
C ASP A 815 15.77 27.01 24.35
N LYS A 816 14.96 26.25 25.08
CA LYS A 816 13.93 26.81 25.98
C LYS A 816 12.93 27.68 25.23
N THR A 817 12.67 27.37 23.96
CA THR A 817 11.66 28.09 23.20
C THR A 817 10.27 27.62 23.60
N SER A 818 9.97 26.34 23.37
CA SER A 818 8.73 25.71 23.81
C SER A 818 7.49 26.42 23.25
N PHE A 819 7.38 26.41 21.93
CA PHE A 819 6.21 26.98 21.28
C PHE A 819 5.01 26.05 21.45
N ASN A 820 3.85 26.63 21.69
CA ASN A 820 2.63 25.90 21.97
C ASN A 820 1.72 25.88 20.75
N PHE A 821 1.02 24.76 20.58
CA PHE A 821 0.06 24.59 19.50
C PHE A 821 -1.36 24.63 20.03
N SER A 822 -2.29 25.01 19.16
CA SER A 822 -3.71 25.07 19.50
C SER A 822 -4.51 24.63 18.29
N TYR A 823 -5.36 23.61 18.48
CA TYR A 823 -6.15 23.04 17.41
C TYR A 823 -7.57 23.61 17.42
N ASP A 824 -8.30 23.31 16.36
CA ASP A 824 -9.68 23.77 16.21
C ASP A 824 -10.59 22.61 15.82
N THR A 825 -11.82 22.91 15.44
CA THR A 825 -12.75 21.87 15.01
C THR A 825 -12.17 21.06 13.85
N ASN A 826 -12.62 19.81 13.74
CA ASN A 826 -12.20 18.82 12.75
C ASN A 826 -10.78 18.32 12.97
N GLY A 827 -10.11 18.73 14.04
CA GLY A 827 -8.79 18.22 14.37
C GLY A 827 -7.70 18.70 13.43
N ARG A 828 -7.51 20.02 13.36
CA ARG A 828 -6.48 20.62 12.52
C ARG A 828 -5.74 21.69 13.32
N LEU A 829 -4.46 21.87 12.98
CA LEU A 829 -3.67 22.91 13.62
C LEU A 829 -4.15 24.28 13.18
N SER A 830 -4.39 25.16 14.16
CA SER A 830 -4.96 26.47 13.87
C SER A 830 -4.22 27.64 14.51
N GLU A 831 -3.43 27.41 15.55
CA GLU A 831 -2.74 28.52 16.21
C GLU A 831 -1.39 28.04 16.74
N ILE A 832 -0.39 28.89 16.62
CA ILE A 832 0.94 28.64 17.15
C ILE A 832 1.35 29.86 17.98
N ARG A 833 1.53 29.67 19.28
CA ARG A 833 1.85 30.76 20.20
C ARG A 833 3.17 30.44 20.90
N PHE A 834 4.18 31.28 20.67
CA PHE A 834 5.46 31.09 21.31
C PHE A 834 5.40 31.45 22.79
N SER A 835 6.32 30.89 23.56
CA SER A 835 6.38 31.13 25.00
C SER A 835 7.31 32.28 25.38
N ASP A 836 7.95 32.91 24.40
CA ASP A 836 8.85 34.02 24.71
C ASP A 836 8.11 35.29 25.10
N ASP A 837 6.79 35.33 24.89
CA ASP A 837 5.93 36.47 25.21
C ASP A 837 6.31 37.74 24.47
N SER A 838 7.14 37.63 23.42
CA SER A 838 7.54 38.78 22.63
C SER A 838 7.34 38.58 21.14
N LEU A 839 7.06 37.36 20.68
CA LEU A 839 6.86 37.08 19.27
C LEU A 839 5.38 36.94 18.97
N PRO A 840 4.88 37.54 17.90
CA PRO A 840 3.45 37.43 17.58
C PRO A 840 3.09 36.02 17.12
N LYS A 841 1.81 35.69 17.25
CA LYS A 841 1.31 34.39 16.87
C LYS A 841 0.92 34.37 15.39
N ILE A 842 1.02 33.19 14.78
CA ILE A 842 0.70 32.98 13.38
C ILE A 842 -0.59 32.16 13.31
N GLU A 843 -1.54 32.63 12.49
CA GLU A 843 -2.84 31.98 12.36
C GLU A 843 -3.00 31.41 10.96
N PHE A 844 -3.75 30.31 10.88
CA PHE A 844 -4.02 29.64 9.61
C PHE A 844 -5.52 29.60 9.34
N GLN A 845 -5.88 29.62 8.07
CA GLN A 845 -7.27 29.55 7.64
C GLN A 845 -7.34 28.63 6.43
N TYR A 846 -8.03 27.50 6.59
CA TYR A 846 -8.13 26.51 5.54
C TYR A 846 -9.28 26.84 4.60
N ASP A 847 -9.46 26.00 3.58
CA ASP A 847 -10.52 26.15 2.60
C ASP A 847 -11.60 25.10 2.85
N VAL A 848 -12.78 25.33 2.26
CA VAL A 848 -13.88 24.39 2.41
C VAL A 848 -13.52 23.02 1.86
N MET A 849 -12.59 22.94 0.92
CA MET A 849 -12.14 21.67 0.36
C MET A 849 -11.10 20.97 1.24
N GLY A 850 -10.62 21.64 2.29
CA GLY A 850 -9.64 21.04 3.18
C GLY A 850 -8.20 21.39 2.89
N ARG A 851 -7.95 22.53 2.22
CA ARG A 851 -6.60 22.96 1.88
C ARG A 851 -6.29 24.28 2.57
N LEU A 852 -5.04 24.44 3.00
CA LEU A 852 -4.60 25.69 3.61
C LEU A 852 -4.64 26.81 2.58
N SER A 853 -5.32 27.91 2.93
CA SER A 853 -5.52 29.01 1.99
C SER A 853 -4.94 30.34 2.46
N VAL A 854 -5.08 30.67 3.75
CA VAL A 854 -4.67 31.96 4.25
C VAL A 854 -3.73 31.77 5.44
N THR A 855 -2.61 32.50 5.43
CA THR A 855 -1.70 32.59 6.56
C THR A 855 -1.69 34.03 7.03
N GLU A 856 -2.17 34.25 8.26
CA GLU A 856 -2.39 35.60 8.79
C GLU A 856 -1.45 35.85 9.96
N THR A 857 -0.77 37.00 9.92
CA THR A 857 0.04 37.50 11.01
C THR A 857 0.02 39.02 10.94
N GLU A 858 0.24 39.66 12.08
CA GLU A 858 0.10 41.11 12.19
C GLU A 858 0.91 41.88 11.16
N SER A 859 1.91 41.24 10.54
CA SER A 859 2.74 41.89 9.53
C SER A 859 2.94 41.03 8.28
N PHE A 860 2.15 39.96 8.11
CA PHE A 860 2.34 39.10 6.95
C PHE A 860 1.01 38.41 6.63
N ARG A 861 0.44 38.72 5.47
CA ARG A 861 -0.80 38.11 5.02
C ARG A 861 -0.55 37.41 3.69
N GLU A 862 -0.63 36.08 3.70
CA GLU A 862 -0.44 35.27 2.50
C GLU A 862 -1.76 34.60 2.14
N SER A 863 -2.11 34.63 0.86
CA SER A 863 -3.36 34.05 0.39
C SER A 863 -3.13 33.33 -0.92
N LYS A 864 -3.49 32.05 -0.96
CA LYS A 864 -3.40 31.25 -2.18
C LYS A 864 -4.80 30.89 -2.65
N LEU A 865 -5.07 31.12 -3.93
CA LEU A 865 -6.38 30.89 -4.51
C LEU A 865 -6.33 29.69 -5.46
N TYR A 866 -7.52 29.24 -5.86
CA TYR A 866 -7.65 28.11 -6.77
C TYR A 866 -8.71 28.42 -7.81
N ASP A 867 -8.56 27.82 -9.00
CA ASP A 867 -9.52 28.06 -10.07
C ASP A 867 -10.84 27.35 -9.81
N GLY A 868 -10.84 26.29 -9.01
CA GLY A 868 -12.05 25.55 -8.72
C GLY A 868 -11.92 24.08 -9.06
N VAL A 869 -10.75 23.69 -9.55
CA VAL A 869 -10.49 22.29 -9.88
C VAL A 869 -9.49 21.64 -8.94
N GLY A 870 -8.56 22.39 -8.36
CA GLY A 870 -7.57 21.83 -7.45
C GLY A 870 -6.16 22.26 -7.78
N ARG A 871 -6.01 23.10 -8.80
CA ARG A 871 -4.71 23.59 -9.24
C ARG A 871 -4.46 24.98 -8.68
N LEU A 872 -3.24 25.22 -8.19
CA LEU A 872 -2.87 26.53 -7.69
C LEU A 872 -2.65 27.49 -8.85
N VAL A 873 -3.32 28.64 -8.79
CA VAL A 873 -3.32 29.60 -9.88
C VAL A 873 -2.75 30.95 -9.45
N GLU A 874 -3.13 31.45 -8.28
CA GLU A 874 -2.76 32.78 -7.84
C GLU A 874 -2.27 32.76 -6.41
N GLN A 875 -1.19 33.51 -6.15
CA GLN A 875 -0.64 33.68 -4.81
C GLN A 875 -0.43 35.16 -4.55
N GLN A 876 -0.79 35.61 -3.34
CA GLN A 876 -0.65 37.00 -2.95
C GLN A 876 0.01 37.07 -1.58
N TRP A 877 0.90 38.06 -1.41
CA TRP A 877 1.62 38.26 -0.15
C TRP A 877 1.46 39.69 0.38
N SER A 878 0.39 40.38 -0.02
CA SER A 878 0.13 41.76 0.37
C SER A 878 1.31 42.66 -0.01
N GLY A 879 1.56 42.73 -1.31
CA GLY A 879 2.67 43.50 -1.84
C GLY A 879 3.35 42.83 -3.00
N ARG A 880 2.98 41.57 -3.26
CA ARG A 880 3.54 40.81 -4.38
C ARG A 880 2.53 39.77 -4.80
N GLU A 881 2.36 39.62 -6.11
CA GLU A 881 1.39 38.69 -6.67
C GLU A 881 2.07 37.81 -7.72
N LYS A 882 1.69 36.53 -7.72
CA LYS A 882 2.21 35.56 -8.68
C LYS A 882 1.05 34.80 -9.30
N LYS A 883 1.05 34.70 -10.63
CA LYS A 883 -0.01 34.02 -11.37
C LYS A 883 0.60 32.95 -12.26
N TYR A 884 -0.15 31.87 -12.43
CA TYR A 884 0.28 30.74 -13.26
C TYR A 884 -0.77 30.48 -14.33
N ILE A 885 -0.31 30.25 -15.56
CA ILE A 885 -1.16 29.94 -16.70
C ILE A 885 -0.75 28.59 -17.24
N TYR A 886 -1.70 27.66 -17.30
CA TYR A 886 -1.46 26.30 -17.74
C TYR A 886 -1.80 26.14 -19.22
N ASN A 887 -1.20 25.14 -19.84
CA ASN A 887 -1.46 24.83 -21.25
C ASN A 887 -2.57 23.80 -21.33
N ALA A 888 -2.78 23.23 -22.52
CA ALA A 888 -3.84 22.24 -22.71
C ALA A 888 -3.46 20.88 -22.12
N GLN A 889 -2.17 20.62 -21.90
CA GLN A 889 -1.71 19.36 -21.35
C GLN A 889 -1.62 19.36 -19.83
N ASN A 890 -2.26 20.33 -19.17
CA ASN A 890 -2.26 20.44 -17.71
C ASN A 890 -0.83 20.53 -17.16
N ARG A 891 -0.08 21.48 -17.72
CA ARG A 891 1.30 21.72 -17.31
C ARG A 891 1.53 23.21 -17.14
N ILE A 892 2.41 23.57 -16.22
CA ILE A 892 2.73 24.97 -15.97
C ILE A 892 3.44 25.54 -17.20
N SER A 893 2.77 26.47 -17.87
CA SER A 893 3.29 27.07 -19.11
C SER A 893 3.83 28.48 -18.92
N SER A 894 3.12 29.34 -18.18
CA SER A 894 3.53 30.72 -18.00
C SER A 894 3.48 31.07 -16.52
N ILE A 895 4.51 31.76 -16.04
CA ILE A 895 4.60 32.24 -14.67
C ILE A 895 4.81 33.74 -14.73
N LEU A 896 3.86 34.50 -14.17
CA LEU A 896 3.90 35.96 -14.20
C LEU A 896 3.98 36.48 -12.77
N ASP A 897 5.11 37.08 -12.43
CA ASP A 897 5.31 37.70 -11.12
C ASP A 897 5.06 39.20 -11.24
N ASN A 898 4.53 39.79 -10.16
CA ASN A 898 4.21 41.21 -10.18
C ASN A 898 5.46 42.08 -10.22
N THR A 899 6.60 41.54 -9.79
CA THR A 899 7.83 42.32 -9.72
C THR A 899 8.64 42.11 -11.00
N ALA A 900 8.02 42.49 -12.11
CA ALA A 900 8.65 42.51 -13.44
C ALA A 900 9.29 41.16 -13.78
N GLY A 901 8.45 40.15 -13.90
CA GLY A 901 8.92 38.83 -14.25
C GLY A 901 7.93 38.01 -15.05
N ALA A 902 8.37 37.46 -16.17
CA ALA A 902 7.51 36.64 -17.02
C ALA A 902 8.35 35.49 -17.57
N THR A 903 8.01 34.26 -17.19
CA THR A 903 8.74 33.07 -17.60
C THR A 903 7.81 32.16 -18.39
N HIS A 904 8.29 31.67 -19.53
CA HIS A 904 7.53 30.76 -20.38
C HIS A 904 8.29 29.45 -20.54
N TYR A 905 7.56 28.34 -20.50
CA TYR A 905 8.15 27.01 -20.66
C TYR A 905 7.49 26.31 -21.85
N GLN A 906 8.29 25.51 -22.56
CA GLN A 906 7.81 24.69 -23.66
C GLN A 906 8.38 23.29 -23.49
N TYR A 907 7.50 22.29 -23.45
CA TYR A 907 7.87 20.90 -23.24
C TYR A 907 7.69 20.09 -24.51
N ASP A 908 8.22 18.88 -24.49
CA ASP A 908 8.10 17.95 -25.60
C ASP A 908 6.86 17.09 -25.41
N THR A 909 6.75 16.01 -26.20
CA THR A 909 5.60 15.12 -26.09
C THR A 909 5.55 14.45 -24.72
N LEU A 910 6.71 14.25 -24.09
CA LEU A 910 6.76 13.65 -22.76
C LEU A 910 6.73 14.76 -21.70
N GLY A 911 6.98 14.41 -20.45
CA GLY A 911 6.97 15.37 -19.37
C GLY A 911 8.22 16.20 -19.24
N TYR A 912 9.27 15.87 -19.99
CA TYR A 912 10.52 16.62 -19.91
C TYR A 912 10.37 18.01 -20.51
N VAL A 913 11.21 18.93 -20.05
CA VAL A 913 11.18 20.31 -20.51
C VAL A 913 12.12 20.45 -21.71
N THR A 914 11.66 21.16 -22.74
CA THR A 914 12.44 21.38 -23.95
C THR A 914 13.13 22.73 -23.97
N LYS A 915 12.42 23.81 -23.66
CA LYS A 915 13.03 25.13 -23.68
C LYS A 915 12.33 26.05 -22.69
N VAL A 916 13.03 27.11 -22.30
CA VAL A 916 12.55 28.09 -21.34
C VAL A 916 12.97 29.47 -21.80
N SER A 917 12.10 30.45 -21.56
CA SER A 917 12.35 31.85 -21.94
C SER A 917 11.96 32.73 -20.77
N GLU A 918 12.96 33.39 -20.15
CA GLU A 918 12.72 34.29 -19.04
C GLU A 918 13.17 35.72 -19.30
N ALA A 919 14.07 35.93 -20.25
CA ALA A 919 14.59 37.26 -20.57
C ALA A 919 14.91 37.30 -22.06
N GLY A 920 15.71 38.29 -22.48
CA GLY A 920 16.12 38.36 -23.86
C GLY A 920 16.85 37.11 -24.34
N SER A 921 17.48 36.38 -23.42
CA SER A 921 18.14 35.13 -23.73
C SER A 921 17.24 33.96 -23.34
N THR A 922 17.31 32.89 -24.13
CA THR A 922 16.51 31.69 -23.91
C THR A 922 17.43 30.50 -23.71
N SER A 923 16.88 29.44 -23.12
CA SER A 923 17.62 28.21 -22.90
C SER A 923 16.89 27.05 -23.54
N THR A 924 17.65 26.13 -24.13
CA THR A 924 17.10 24.97 -24.80
C THR A 924 17.77 23.70 -24.28
N PHE A 925 17.01 22.60 -24.30
CA PHE A 925 17.51 21.31 -23.85
C PHE A 925 16.99 20.22 -24.77
N GLU A 926 17.76 19.15 -24.88
CA GLU A 926 17.40 17.99 -25.69
C GLU A 926 17.63 16.73 -24.88
N SER A 927 16.71 15.77 -25.02
CA SER A 927 16.81 14.51 -24.29
C SER A 927 16.00 13.46 -25.02
N ASP A 928 16.36 12.20 -24.78
CA ASP A 928 15.69 11.07 -25.40
C ASP A 928 14.44 10.71 -24.57
N SER A 929 13.86 9.55 -24.87
CA SER A 929 12.66 9.08 -24.18
C SER A 929 12.97 8.42 -22.84
N PHE A 930 14.22 8.49 -22.36
CA PHE A 930 14.59 7.86 -21.10
C PHE A 930 15.27 8.82 -20.13
N GLY A 931 15.26 10.13 -20.41
CA GLY A 931 15.81 11.12 -19.52
C GLY A 931 17.27 11.45 -19.77
N ASN A 932 17.99 10.64 -20.54
CA ASN A 932 19.39 10.93 -20.81
C ASN A 932 19.52 12.18 -21.66
N PRO A 933 20.56 12.99 -21.43
CA PRO A 933 20.72 14.22 -22.21
C PRO A 933 21.12 13.91 -23.65
N ALA A 934 20.60 14.70 -24.58
CA ALA A 934 20.86 14.55 -26.00
C ALA A 934 21.42 15.84 -26.60
N LEU A 935 22.30 16.50 -25.86
CA LEU A 935 22.92 17.73 -26.34
C LEU A 935 23.94 17.42 -27.44
N ALA A 936 24.39 18.48 -28.10
CA ALA A 936 25.38 18.31 -29.17
C ALA A 936 26.73 17.87 -28.62
N ASP A 937 26.99 18.13 -27.34
CA ASP A 937 28.25 17.76 -26.71
C ASP A 937 28.09 16.72 -25.61
N SER A 938 26.88 16.18 -25.42
CA SER A 938 26.66 15.17 -24.40
C SER A 938 27.15 13.82 -24.87
N LYS A 939 27.74 13.05 -23.95
CA LYS A 939 28.31 11.75 -24.28
C LYS A 939 28.05 10.80 -23.12
N VAL A 940 27.23 9.78 -23.35
CA VAL A 940 26.89 8.78 -22.35
C VAL A 940 27.16 7.40 -22.93
N MET A 941 27.62 6.47 -22.09
CA MET A 941 27.86 5.11 -22.55
C MET A 941 26.57 4.29 -22.54
N SER A 942 26.00 4.06 -21.35
CA SER A 942 24.73 3.35 -21.22
C SER A 942 23.67 4.17 -20.50
N ASP A 943 23.95 4.60 -19.26
CA ASP A 943 23.01 5.41 -18.50
C ASP A 943 23.65 6.57 -17.76
N ARG A 944 24.98 6.60 -17.62
CA ARG A 944 25.67 7.65 -16.89
C ARG A 944 26.31 8.63 -17.86
N ILE A 945 26.37 9.89 -17.44
CA ILE A 945 26.93 10.95 -18.27
C ILE A 945 28.45 10.94 -18.14
N GLU A 946 29.14 10.86 -19.27
CA GLU A 946 30.59 10.92 -19.30
C GLU A 946 31.13 12.30 -19.64
N ALA A 947 30.35 13.11 -20.37
CA ALA A 947 30.75 14.45 -20.72
C ALA A 947 29.50 15.29 -20.97
N TYR A 948 29.49 16.50 -20.41
CA TYR A 948 28.34 17.39 -20.53
C TYR A 948 28.79 18.81 -20.23
N ALA A 949 28.59 19.72 -21.19
CA ALA A 949 28.94 21.13 -21.03
C ALA A 949 30.42 21.31 -20.69
N GLY A 950 31.27 20.47 -21.30
CA GLY A 950 32.69 20.55 -21.06
C GLY A 950 33.15 20.02 -19.72
N VAL A 951 32.32 19.24 -19.03
CA VAL A 951 32.65 18.66 -17.74
C VAL A 951 32.79 17.16 -17.90
N ARG A 952 33.91 16.62 -17.44
CA ARG A 952 34.21 15.19 -17.53
C ARG A 952 33.91 14.51 -16.20
N TYR A 953 33.11 13.45 -16.25
CA TYR A 953 32.73 12.71 -15.07
C TYR A 953 33.34 11.31 -15.13
N LYS A 954 34.10 10.95 -14.11
CA LYS A 954 34.72 9.62 -14.00
C LYS A 954 34.07 8.89 -12.84
N TYR A 955 33.43 7.77 -13.15
CA TYR A 955 32.68 6.98 -12.18
C TYR A 955 33.56 5.86 -11.63
N ASP A 956 32.94 4.96 -10.87
CA ASP A 956 33.60 3.79 -10.31
C ASP A 956 32.81 2.53 -10.68
N GLN A 957 33.20 1.40 -10.07
CA GLN A 957 32.51 0.14 -10.33
C GLN A 957 31.09 0.14 -9.81
N GLN A 958 30.77 0.97 -8.81
CA GLN A 958 29.43 1.01 -8.25
C GLN A 958 28.50 1.88 -9.09
N GLY A 959 29.00 2.94 -9.70
CA GLY A 959 28.19 3.83 -10.51
C GLY A 959 27.92 5.16 -9.85
N ASN A 960 28.92 5.67 -9.12
CA ASN A 960 28.83 6.95 -8.43
C ASN A 960 29.90 7.89 -8.98
N GLN A 961 29.54 9.17 -9.07
CA GLN A 961 30.48 10.18 -9.58
C GLN A 961 31.67 10.32 -8.63
N VAL A 962 32.84 9.90 -9.09
CA VAL A 962 34.06 9.95 -8.28
C VAL A 962 34.89 11.18 -8.61
N LYS A 963 35.15 11.42 -9.89
CA LYS A 963 35.98 12.54 -10.33
C LYS A 963 35.17 13.46 -11.23
N ARG A 964 35.28 14.76 -10.99
CA ARG A 964 34.59 15.78 -11.78
C ARG A 964 35.62 16.81 -12.24
N GLU A 965 35.79 16.94 -13.55
CA GLU A 965 36.74 17.88 -14.14
C GLU A 965 35.93 18.93 -14.89
N GLY A 966 35.91 20.15 -14.36
CA GLY A 966 35.18 21.23 -14.99
C GLY A 966 36.07 22.16 -15.80
N ASP A 967 36.00 23.45 -15.52
CA ASP A 967 36.81 24.45 -16.22
C ASP A 967 37.99 24.81 -15.32
N GLY A 968 39.05 24.02 -15.43
CA GLY A 968 40.23 24.25 -14.61
C GLY A 968 40.06 23.90 -13.14
N THR A 969 39.14 22.98 -12.83
CA THR A 969 38.90 22.57 -11.45
C THR A 969 38.62 21.08 -11.42
N VAL A 970 39.32 20.36 -10.54
CA VAL A 970 39.18 18.92 -10.37
C VAL A 970 38.66 18.66 -8.97
N GLN A 971 37.58 17.88 -8.87
CA GLN A 971 36.96 17.56 -7.59
C GLN A 971 36.84 16.05 -7.45
N LYS A 972 37.33 15.52 -6.35
CA LYS A 972 37.26 14.10 -6.05
C LYS A 972 36.30 13.86 -4.90
N ARG A 973 35.58 12.74 -4.94
CA ARG A 973 34.63 12.39 -3.91
C ARG A 973 34.92 10.98 -3.41
N VAL A 974 34.88 10.79 -2.09
CA VAL A 974 35.11 9.50 -1.47
C VAL A 974 33.93 9.20 -0.55
N PHE A 975 33.36 8.01 -0.71
CA PHE A 975 32.21 7.56 0.05
C PHE A 975 32.63 6.48 1.05
N ASP A 976 31.67 6.02 1.84
CA ASP A 976 31.90 4.95 2.79
C ASP A 976 31.44 3.62 2.21
N ALA A 977 31.40 2.58 3.05
CA ALA A 977 30.93 1.27 2.60
C ALA A 977 29.41 1.25 2.40
N LEU A 978 28.69 2.23 2.95
CA LEU A 978 27.24 2.31 2.80
C LEU A 978 26.82 3.22 1.65
N SER A 979 27.71 3.46 0.69
CA SER A 979 27.44 4.34 -0.46
C SER A 979 26.95 5.71 0.01
N GLN A 980 27.66 6.29 0.98
CA GLN A 980 27.35 7.61 1.51
C GLN A 980 28.60 8.47 1.41
N LEU A 981 28.45 9.65 0.81
CA LEU A 981 29.57 10.57 0.61
C LEU A 981 30.11 11.02 1.95
N VAL A 982 31.39 10.72 2.21
CA VAL A 982 31.99 11.05 3.49
C VAL A 982 33.02 12.16 3.36
N GLU A 983 33.62 12.31 2.17
CA GLU A 983 34.58 13.40 2.01
C GLU A 983 34.64 13.85 0.55
N VAL A 984 35.00 15.11 0.37
CA VAL A 984 35.15 15.72 -0.94
C VAL A 984 36.40 16.57 -0.94
N HIS A 985 37.32 16.31 -1.87
CA HIS A 985 38.55 17.06 -2.02
C HIS A 985 38.48 17.93 -3.26
N GLY A 986 38.98 19.16 -3.15
CA GLY A 986 39.00 20.08 -4.27
C GLY A 986 40.32 20.80 -4.40
N ASP A 987 40.26 22.12 -4.62
CA ASP A 987 41.47 22.92 -4.73
C ASP A 987 41.96 23.40 -3.36
N SER A 988 41.08 24.01 -2.57
CA SER A 988 41.45 24.47 -1.23
C SER A 988 40.38 24.22 -0.19
N SER A 989 39.37 23.39 -0.49
CA SER A 989 38.25 23.13 0.42
C SER A 989 38.11 21.63 0.61
N ILE A 990 38.44 21.14 1.80
CA ILE A 990 38.29 19.74 2.17
C ILE A 990 37.18 19.64 3.21
N SER A 991 36.13 18.90 2.88
CA SER A 991 34.96 18.78 3.74
C SER A 991 34.79 17.33 4.18
N HIS A 992 34.22 17.15 5.38
CA HIS A 992 33.94 15.84 5.93
C HIS A 992 32.52 15.82 6.46
N TYR A 993 31.91 14.64 6.45
CA TYR A 993 30.52 14.46 6.88
C TYR A 993 30.42 13.25 7.80
N GLU A 994 29.41 13.28 8.68
CA GLU A 994 29.15 12.22 9.63
C GLU A 994 27.69 11.83 9.57
N TYR A 995 27.43 10.52 9.53
CA TYR A 995 26.07 9.99 9.48
C TYR A 995 25.82 9.06 10.65
N ASP A 996 24.57 9.02 11.10
CA ASP A 996 24.17 8.17 12.22
C ASP A 996 23.71 6.81 11.69
N ALA A 997 23.11 6.00 12.56
CA ALA A 997 22.61 4.70 12.14
C ALA A 997 21.39 4.80 11.25
N LEU A 998 20.65 5.91 11.32
CA LEU A 998 19.46 6.08 10.50
C LEU A 998 19.77 6.64 9.11
N GLY A 999 21.04 6.87 8.79
CA GLY A 999 21.41 7.38 7.49
C GLY A 999 21.27 8.87 7.30
N ARG A 1000 21.13 9.64 8.38
CA ARG A 1000 20.99 11.08 8.31
C ARG A 1000 22.31 11.76 8.71
N ARG A 1001 22.55 12.92 8.10
CA ARG A 1001 23.76 13.69 8.39
C ARG A 1001 23.60 14.41 9.74
N THR A 1002 24.58 14.22 10.62
CA THR A 1002 24.51 14.78 11.97
C THR A 1002 25.59 15.83 12.24
N LYS A 1003 26.69 15.81 11.51
CA LYS A 1003 27.78 16.75 11.75
C LYS A 1003 28.51 17.04 10.45
N LYS A 1004 28.87 18.30 10.25
CA LYS A 1004 29.60 18.74 9.07
C LYS A 1004 30.85 19.48 9.53
N ILE A 1005 32.02 18.97 9.14
CA ILE A 1005 33.30 19.56 9.51
C ILE A 1005 33.93 20.13 8.24
N THR A 1006 34.01 21.46 8.16
CA THR A 1006 34.62 22.12 7.02
C THR A 1006 35.57 23.20 7.53
N GLN A 1007 36.19 23.95 6.61
CA GLN A 1007 37.14 24.98 7.03
C GLN A 1007 36.44 26.18 7.64
N ASN A 1008 35.15 26.38 7.34
CA ASN A 1008 34.42 27.51 7.92
C ASN A 1008 34.08 27.25 9.38
N GLY A 1009 33.77 26.01 9.74
CA GLY A 1009 33.44 25.69 11.11
C GLY A 1009 32.71 24.37 11.18
N ILE A 1010 32.26 24.04 12.39
CA ILE A 1010 31.52 22.81 12.66
C ILE A 1010 30.03 23.12 12.66
N THR A 1011 29.26 22.33 11.92
CA THR A 1011 27.82 22.51 11.81
C THR A 1011 27.12 21.28 12.35
N GLU A 1012 26.12 21.49 13.19
CA GLU A 1012 25.33 20.42 13.79
C GLU A 1012 23.90 20.52 13.33
N PHE A 1013 23.27 19.37 13.09
CA PHE A 1013 21.90 19.31 12.61
C PHE A 1013 21.06 18.48 13.57
N LEU A 1014 19.81 18.89 13.77
CA LEU A 1014 18.86 18.18 14.60
C LEU A 1014 17.66 17.77 13.75
N TRP A 1015 17.34 16.47 13.79
CA TRP A 1015 16.27 15.92 12.98
C TRP A 1015 15.07 15.56 13.85
N GLU A 1016 13.88 15.69 13.28
CA GLU A 1016 12.62 15.33 13.93
C GLU A 1016 11.85 14.44 12.97
N GLY A 1017 12.13 13.13 13.02
CA GLY A 1017 11.50 12.19 12.12
C GLY A 1017 12.23 12.10 10.80
N GLU A 1018 11.66 12.73 9.76
CA GLU A 1018 12.27 12.76 8.44
C GLU A 1018 12.73 14.15 8.01
N ARG A 1019 12.12 15.21 8.52
CA ARG A 1019 12.49 16.57 8.15
C ARG A 1019 13.45 17.16 9.17
N LEU A 1020 14.26 18.12 8.70
CA LEU A 1020 15.20 18.80 9.58
C LEU A 1020 14.46 19.74 10.52
N LEU A 1021 15.04 19.92 11.71
CA LEU A 1021 14.47 20.80 12.74
C LEU A 1021 15.61 21.56 13.40
N GLY A 1022 15.92 22.74 12.88
CA GLY A 1022 16.94 23.60 13.46
C GLY A 1022 18.36 23.13 13.20
N GLU A 1023 19.32 24.01 13.50
CA GLU A 1023 20.73 23.69 13.34
C GLU A 1023 21.53 24.57 14.28
N ARG A 1024 22.81 24.22 14.44
CA ARG A 1024 23.73 24.96 15.31
C ARG A 1024 24.98 25.29 14.51
N THR A 1025 25.20 26.58 14.25
CA THR A 1025 26.35 27.05 13.49
C THR A 1025 27.34 27.81 14.37
N ALA A 1026 27.46 27.39 15.64
CA ALA A 1026 28.39 27.98 16.62
C ALA A 1026 28.12 29.45 16.89
N ASP A 1027 27.00 29.99 16.43
CA ASP A 1027 26.64 31.39 16.64
C ASP A 1027 25.31 31.54 17.37
N GLY A 1028 24.76 30.46 17.92
CA GLY A 1028 23.49 30.47 18.60
C GLY A 1028 22.62 29.33 18.11
N PHE A 1029 21.33 29.44 18.41
CA PHE A 1029 20.34 28.44 18.02
C PHE A 1029 19.32 29.07 17.10
N ARG A 1030 19.04 28.39 15.98
CA ARG A 1030 18.02 28.82 15.03
C ARG A 1030 17.17 27.63 14.65
N TRP A 1031 15.85 27.79 14.73
CA TRP A 1031 14.91 26.72 14.45
C TRP A 1031 14.11 27.03 13.19
N TYR A 1032 13.69 25.96 12.51
CA TYR A 1032 12.92 26.07 11.28
C TYR A 1032 11.52 25.49 11.52
N LEU A 1033 10.50 26.25 11.12
CA LEU A 1033 9.12 25.80 11.21
C LEU A 1033 8.58 25.52 9.82
N TYR A 1034 7.66 24.57 9.74
CA TYR A 1034 7.08 24.14 8.48
C TYR A 1034 5.56 24.20 8.56
N GLN A 1035 4.90 23.89 7.45
CA GLN A 1035 3.45 23.81 7.41
C GLN A 1035 2.98 22.62 8.27
N PRO A 1036 1.71 22.62 8.67
CA PRO A 1036 1.21 21.50 9.50
C PRO A 1036 1.47 20.12 8.90
N GLU A 1037 1.20 19.94 7.60
CA GLU A 1037 1.41 18.65 6.94
C GLU A 1037 2.09 18.86 5.59
N THR A 1038 3.08 19.74 5.54
CA THR A 1038 3.80 20.00 4.30
C THR A 1038 5.22 20.44 4.63
N TYR A 1039 6.16 20.02 3.79
CA TYR A 1039 7.58 20.27 4.00
C TYR A 1039 8.00 21.69 3.63
N ILE A 1040 7.06 22.59 3.37
CA ILE A 1040 7.39 23.97 3.00
C ILE A 1040 7.79 24.73 4.26
N PRO A 1041 9.00 25.28 4.33
CA PRO A 1041 9.40 26.06 5.51
C PRO A 1041 8.67 27.39 5.57
N LEU A 1042 8.54 27.91 6.79
CA LEU A 1042 7.83 29.16 7.01
C LEU A 1042 8.14 29.65 8.42
N ALA A 1043 8.37 30.96 8.55
CA ALA A 1043 8.57 31.62 9.84
C ALA A 1043 9.75 31.03 10.60
N VAL A 1044 10.94 31.18 10.01
CA VAL A 1044 12.16 30.73 10.67
C VAL A 1044 12.42 31.59 11.90
N LEU A 1045 12.91 30.95 12.96
CA LEU A 1045 13.19 31.61 14.22
C LEU A 1045 14.70 31.67 14.42
N GLU A 1046 15.23 32.88 14.57
CA GLU A 1046 16.66 33.05 14.76
C GLU A 1046 16.91 34.31 15.60
N ASN A 1047 17.73 34.15 16.64
CA ASN A 1047 18.10 35.26 17.52
C ASN A 1047 16.86 35.94 18.12
N GLY A 1048 15.85 35.14 18.43
CA GLY A 1048 14.61 35.69 18.97
C GLY A 1048 13.83 36.52 17.98
N SER A 1049 13.98 36.26 16.68
CA SER A 1049 13.28 36.99 15.65
C SER A 1049 12.66 36.02 14.66
N ILE A 1050 11.45 36.34 14.21
CA ILE A 1050 10.69 35.51 13.27
C ILE A 1050 10.78 36.14 11.90
N TYR A 1051 11.20 35.34 10.91
CA TYR A 1051 11.33 35.78 9.53
C TYR A 1051 10.40 34.94 8.66
N LEU A 1052 9.49 35.61 7.95
CA LEU A 1052 8.51 34.94 7.12
C LEU A 1052 9.09 34.67 5.72
N TYR A 1053 8.83 33.48 5.22
CA TYR A 1053 9.26 33.07 3.89
C TYR A 1053 8.15 33.28 2.88
N GLU A 1054 8.54 33.27 1.60
CA GLU A 1054 7.60 33.36 0.48
C GLU A 1054 8.00 32.30 -0.53
N CYS A 1055 7.21 31.24 -0.65
CA CYS A 1055 7.53 30.12 -1.52
C CYS A 1055 6.52 30.03 -2.65
N ASP A 1056 6.96 29.45 -3.78
CA ASP A 1056 6.14 29.30 -4.96
C ASP A 1056 5.30 28.03 -4.85
N GLN A 1057 4.68 27.62 -5.96
CA GLN A 1057 3.84 26.43 -5.97
C GLN A 1057 4.64 25.15 -5.69
N VAL A 1058 5.97 25.19 -5.87
CA VAL A 1058 6.79 24.02 -5.61
C VAL A 1058 7.29 23.98 -4.17
N GLY A 1059 7.51 25.14 -3.55
CA GLY A 1059 8.04 25.20 -2.21
C GLY A 1059 9.45 25.73 -2.10
N LYS A 1060 9.99 26.30 -3.17
CA LYS A 1060 11.35 26.86 -3.13
C LYS A 1060 11.29 28.25 -2.51
N PRO A 1061 11.95 28.48 -1.36
CA PRO A 1061 11.93 29.81 -0.76
C PRO A 1061 12.78 30.78 -1.57
N GLU A 1062 12.14 31.80 -2.12
CA GLU A 1062 12.81 32.83 -2.90
C GLU A 1062 12.90 34.17 -2.20
N ARG A 1063 11.99 34.46 -1.27
CA ARG A 1063 12.00 35.71 -0.52
C ARG A 1063 11.86 35.40 0.97
N LEU A 1064 12.55 36.22 1.77
CA LEU A 1064 12.52 36.08 3.22
C LEU A 1064 12.56 37.47 3.82
N LYS A 1065 11.57 37.81 4.64
CA LYS A 1065 11.45 39.15 5.20
C LYS A 1065 11.09 39.07 6.67
N ASP A 1066 11.67 39.97 7.47
CA ASP A 1066 11.37 40.03 8.88
C ASP A 1066 10.00 40.69 9.10
N SER A 1067 9.63 40.85 10.37
CA SER A 1067 8.37 41.50 10.72
C SER A 1067 8.53 43.02 10.82
N ALA A 1068 9.12 43.62 9.79
CA ALA A 1068 9.31 45.06 9.76
C ALA A 1068 8.92 45.71 8.43
N GLY A 1069 8.74 44.95 7.36
CA GLY A 1069 8.34 45.49 6.07
C GLY A 1069 9.41 45.44 5.01
N ASN A 1070 10.68 45.22 5.37
CA ASN A 1070 11.76 45.16 4.41
C ASN A 1070 12.22 43.72 4.21
N ILE A 1071 12.64 43.41 2.99
CA ILE A 1071 13.08 42.06 2.65
C ILE A 1071 14.54 41.89 3.07
N VAL A 1072 14.83 40.81 3.79
CA VAL A 1072 16.18 40.54 4.27
C VAL A 1072 16.91 39.50 3.43
N TRP A 1073 16.20 38.76 2.57
CA TRP A 1073 16.85 37.77 1.72
C TRP A 1073 16.05 37.61 0.45
N SER A 1074 16.73 37.64 -0.70
CA SER A 1074 16.08 37.52 -1.99
C SER A 1074 16.96 36.69 -2.92
N ALA A 1075 16.32 35.81 -3.68
CA ALA A 1075 17.03 34.96 -4.63
C ALA A 1075 16.08 34.58 -5.76
N SER A 1076 16.67 34.04 -6.83
CA SER A 1076 15.91 33.61 -8.00
C SER A 1076 16.42 32.25 -8.45
N TYR A 1077 15.49 31.35 -8.75
CA TYR A 1077 15.82 29.99 -9.15
C TYR A 1077 15.68 29.82 -10.66
N ASP A 1078 16.49 28.92 -11.21
CA ASP A 1078 16.47 28.61 -12.63
C ASP A 1078 15.71 27.31 -12.86
N VAL A 1079 15.74 26.82 -14.11
CA VAL A 1079 15.07 25.56 -14.44
C VAL A 1079 15.78 24.36 -13.82
N HIS A 1080 17.09 24.45 -13.60
CA HIS A 1080 17.85 23.34 -13.06
C HIS A 1080 17.93 23.35 -11.54
N GLY A 1081 17.37 24.37 -10.88
CA GLY A 1081 17.35 24.44 -9.44
C GLY A 1081 18.43 25.29 -8.80
N PHE A 1082 19.30 25.89 -9.59
CA PHE A 1082 20.35 26.76 -9.05
C PHE A 1082 19.76 28.11 -8.68
N ALA A 1083 20.26 28.68 -7.59
CA ALA A 1083 19.74 29.95 -7.06
C ALA A 1083 20.85 31.00 -7.10
N SER A 1084 20.55 32.15 -7.69
CA SER A 1084 21.46 33.29 -7.74
C SER A 1084 20.98 34.33 -6.75
N ILE A 1085 21.79 34.60 -5.74
CA ILE A 1085 21.43 35.51 -4.65
C ILE A 1085 21.92 36.92 -4.99
N ASP A 1086 21.07 37.91 -4.74
CA ASP A 1086 21.39 39.31 -4.95
C ASP A 1086 21.38 40.12 -3.67
N VAL A 1087 20.41 39.89 -2.79
CA VAL A 1087 20.33 40.55 -1.49
C VAL A 1087 20.37 39.45 -0.44
N GLU A 1088 21.43 39.43 0.37
CA GLU A 1088 21.64 38.38 1.36
C GLU A 1088 22.05 39.01 2.69
N GLU A 1089 21.11 39.10 3.62
CA GLU A 1089 21.38 39.51 4.98
C GLU A 1089 21.25 38.36 5.98
N VAL A 1090 20.31 37.45 5.75
CA VAL A 1090 20.15 36.24 6.55
C VAL A 1090 20.26 35.05 5.61
N ARG A 1091 21.21 34.17 5.88
CA ARG A 1091 21.47 33.04 4.99
C ARG A 1091 20.30 32.07 5.01
N ASN A 1092 20.10 31.40 3.87
CA ASN A 1092 19.02 30.42 3.71
C ASN A 1092 19.55 29.27 2.87
N PRO A 1093 20.00 28.19 3.50
CA PRO A 1093 20.54 27.05 2.75
C PRO A 1093 19.50 26.08 2.22
N LEU A 1094 18.23 26.45 2.21
CA LEU A 1094 17.15 25.58 1.75
C LEU A 1094 16.77 25.98 0.33
N ARG A 1095 17.00 25.07 -0.63
CA ARG A 1095 16.66 25.31 -2.02
C ARG A 1095 15.31 24.71 -2.38
N PHE A 1096 15.14 23.41 -2.19
CA PHE A 1096 13.90 22.71 -2.46
C PHE A 1096 13.27 22.25 -1.16
N GLN A 1097 12.17 21.49 -1.28
CA GLN A 1097 11.47 20.96 -0.12
C GLN A 1097 12.31 19.85 0.50
N GLY A 1098 13.01 20.17 1.59
CA GLY A 1098 13.86 19.22 2.26
C GLY A 1098 15.28 19.14 1.75
N GLN A 1099 15.71 20.08 0.92
CA GLN A 1099 17.05 20.09 0.38
C GLN A 1099 17.95 21.00 1.18
N TYR A 1100 19.17 20.56 1.43
CA TYR A 1100 20.21 21.37 2.05
C TYR A 1100 21.28 21.68 1.01
N PHE A 1101 21.68 22.95 0.94
CA PHE A 1101 22.61 23.42 -0.07
C PHE A 1101 24.01 23.55 0.54
N ASP A 1102 24.96 22.82 -0.02
CA ASP A 1102 26.35 22.90 0.39
C ASP A 1102 27.11 23.80 -0.57
N GLN A 1103 27.65 24.91 -0.06
CA GLN A 1103 28.35 25.87 -0.90
C GLN A 1103 29.79 25.45 -1.15
N GLU A 1104 30.44 24.83 -0.14
CA GLU A 1104 31.81 24.36 -0.33
C GLU A 1104 31.90 23.31 -1.42
N THR A 1105 30.85 22.52 -1.60
CA THR A 1105 30.77 21.57 -2.70
C THR A 1105 29.72 21.95 -3.74
N ASN A 1106 28.86 22.93 -3.44
CA ASN A 1106 27.82 23.39 -4.36
C ASN A 1106 26.91 22.23 -4.78
N LEU A 1107 26.35 21.55 -3.78
CA LEU A 1107 25.50 20.39 -4.02
C LEU A 1107 24.22 20.51 -3.22
N HIS A 1108 23.27 19.61 -3.50
CA HIS A 1108 21.99 19.55 -2.81
C HIS A 1108 21.83 18.18 -2.18
N TYR A 1109 21.42 18.16 -0.92
CA TYR A 1109 21.29 16.92 -0.14
C TYR A 1109 19.89 16.86 0.44
N ASN A 1110 19.08 15.90 -0.02
CA ASN A 1110 17.71 15.80 0.46
C ASN A 1110 17.63 15.06 1.79
N LEU A 1111 17.90 13.75 1.77
CA LEU A 1111 18.02 12.98 3.01
C LEU A 1111 19.17 11.99 3.03
N ALA A 1112 19.57 11.41 1.90
CA ALA A 1112 20.68 10.46 1.87
C ALA A 1112 21.56 10.58 0.64
N ARG A 1113 21.25 11.44 -0.31
CA ARG A 1113 21.98 11.52 -1.56
C ARG A 1113 22.30 12.98 -1.89
N TYR A 1114 23.32 13.16 -2.72
CA TYR A 1114 23.77 14.49 -3.13
C TYR A 1114 23.27 14.77 -4.54
N TYR A 1115 22.59 15.90 -4.70
CA TYR A 1115 22.04 16.33 -5.98
C TYR A 1115 22.89 17.44 -6.57
N ASP A 1116 23.11 17.38 -7.88
CA ASP A 1116 23.93 18.36 -8.56
C ASP A 1116 23.04 19.38 -9.25
N PRO A 1117 23.02 20.63 -8.82
CA PRO A 1117 22.17 21.63 -9.50
C PRO A 1117 22.67 22.00 -10.89
N LYS A 1118 23.96 21.82 -11.18
CA LYS A 1118 24.47 22.15 -12.50
C LYS A 1118 24.10 21.07 -13.52
N LEU A 1119 24.35 19.81 -13.17
CA LEU A 1119 24.00 18.72 -14.09
C LEU A 1119 22.50 18.49 -14.14
N GLY A 1120 21.83 18.59 -13.00
CA GLY A 1120 20.40 18.40 -12.93
C GLY A 1120 19.92 17.03 -12.51
N ARG A 1121 20.78 16.23 -11.88
CA ARG A 1121 20.41 14.89 -11.45
C ARG A 1121 21.36 14.45 -10.34
N PHE A 1122 21.00 13.35 -9.68
CA PHE A 1122 21.80 12.83 -8.59
C PHE A 1122 23.13 12.29 -9.12
N ILE A 1123 24.09 12.17 -8.20
CA ILE A 1123 25.43 11.69 -8.53
C ILE A 1123 25.65 10.25 -8.11
N GLN A 1124 24.62 9.58 -7.59
CA GLN A 1124 24.74 8.20 -7.16
C GLN A 1124 23.38 7.53 -7.24
N GLN A 1125 23.40 6.21 -7.37
CA GLN A 1125 22.17 5.43 -7.48
C GLN A 1125 21.59 5.14 -6.11
N ASP A 1126 20.26 5.10 -6.05
CA ASP A 1126 19.55 4.75 -4.82
C ASP A 1126 19.49 3.24 -4.66
N PRO A 1127 19.42 2.75 -3.41
CA PRO A 1127 19.38 1.29 -3.19
C PRO A 1127 18.09 0.63 -3.69
N ILE A 1128 17.09 1.40 -4.09
CA ILE A 1128 15.85 0.84 -4.62
C ILE A 1128 15.69 1.32 -6.06
N SER A 1129 16.81 1.49 -6.76
CA SER A 1129 16.80 2.01 -8.13
C SER A 1129 15.85 1.23 -9.04
N ILE A 1130 15.88 -0.10 -8.95
CA ILE A 1130 15.00 -0.90 -9.79
C ILE A 1130 13.54 -0.69 -9.38
N ALA A 1131 13.28 -0.49 -8.10
CA ALA A 1131 11.93 -0.26 -7.61
C ALA A 1131 11.49 1.20 -7.69
N GLY A 1132 12.41 2.11 -7.99
CA GLY A 1132 12.08 3.52 -8.06
C GLY A 1132 11.70 3.98 -9.45
N GLY A 1133 12.45 3.53 -10.45
CA GLY A 1133 12.17 3.93 -11.83
C GLY A 1133 13.15 3.26 -12.78
N ILE A 1134 12.93 3.54 -14.07
CA ILE A 1134 13.79 2.95 -15.09
C ILE A 1134 15.15 3.63 -15.13
N ASN A 1135 15.21 4.90 -14.73
CA ASN A 1135 16.46 5.66 -14.70
C ASN A 1135 16.91 5.79 -13.24
N HIS A 1136 18.12 5.32 -12.96
CA HIS A 1136 18.64 5.31 -11.60
C HIS A 1136 19.15 6.67 -11.14
N TYR A 1137 19.40 7.60 -12.07
CA TYR A 1137 19.93 8.91 -11.72
C TYR A 1137 18.91 10.03 -11.89
N GLN A 1138 17.77 9.77 -12.52
CA GLN A 1138 16.80 10.82 -12.77
C GLN A 1138 16.16 11.30 -11.48
N TYR A 1139 16.19 12.62 -11.26
CA TYR A 1139 15.53 13.20 -10.10
C TYR A 1139 14.02 13.27 -10.30
N ALA A 1140 13.59 13.83 -11.42
CA ALA A 1140 12.18 13.91 -11.76
C ALA A 1140 12.07 14.16 -13.26
N VAL A 1141 10.86 13.94 -13.79
CA VAL A 1141 10.64 14.16 -15.21
C VAL A 1141 10.65 15.66 -15.53
N ASN A 1142 10.29 16.50 -14.56
CA ASN A 1142 10.42 17.95 -14.68
C ASN A 1142 10.37 18.59 -13.29
N PRO A 1143 11.33 19.45 -12.96
CA PRO A 1143 11.35 20.11 -11.64
C PRO A 1143 10.47 21.37 -11.58
N ILE A 1144 9.25 21.26 -12.10
CA ILE A 1144 8.30 22.37 -12.09
C ILE A 1144 7.04 21.94 -11.36
N GLN A 1145 6.76 20.63 -11.36
CA GLN A 1145 5.58 20.09 -10.70
C GLN A 1145 5.90 18.96 -9.74
N TRP A 1146 7.15 18.49 -9.69
CA TRP A 1146 7.55 17.39 -8.83
C TRP A 1146 8.51 17.90 -7.77
N ILE A 1147 8.27 17.49 -6.52
CA ILE A 1147 9.09 17.91 -5.39
C ILE A 1147 10.12 16.84 -5.02
N ALA A 1148 9.69 15.58 -4.97
CA ALA A 1148 10.55 14.44 -4.64
C ALA A 1148 11.25 14.64 -3.30
N PRO A 1149 10.52 14.62 -2.19
CA PRO A 1149 11.17 14.79 -0.88
C PRO A 1149 11.85 13.50 -0.43
N THR A 1150 12.77 13.66 0.52
CA THR A 1150 13.54 12.56 1.09
C THR A 1150 14.27 11.75 0.02
N GLY A 1151 14.64 12.41 -1.08
CA GLY A 1151 15.41 11.76 -2.12
C GLY A 1151 14.58 11.02 -3.15
N PHE A 1152 14.48 9.70 -3.01
CA PHE A 1152 13.80 8.85 -3.97
C PHE A 1152 12.29 8.96 -3.79
N LEU A 1153 11.54 8.15 -4.54
CA LEU A 1153 10.08 8.10 -4.48
C LEU A 1153 9.46 9.45 -4.77
N CYS A 1154 9.67 9.93 -5.99
CA CYS A 1154 9.14 11.22 -6.40
C CYS A 1154 7.62 11.14 -6.59
N GLU A 1155 6.95 12.25 -6.32
CA GLU A 1155 5.50 12.35 -6.49
C GLU A 1155 5.16 13.79 -6.88
N GLU A 1156 3.87 14.01 -7.10
CA GLU A 1156 3.40 15.35 -7.46
C GLU A 1156 3.47 16.28 -6.27
N GLY A 1157 3.71 17.56 -6.55
CA GLY A 1157 3.81 18.56 -5.51
C GLY A 1157 2.47 18.96 -4.93
N LEU A 1158 1.44 18.99 -5.78
CA LEU A 1158 0.09 19.35 -5.38
C LEU A 1158 -0.84 18.17 -5.67
N LYS A 1159 -1.55 17.71 -4.65
CA LYS A 1159 -2.46 16.57 -4.76
C LYS A 1159 -3.89 17.07 -4.74
N ARG A 1160 -4.65 16.73 -5.77
CA ARG A 1160 -6.04 17.12 -5.89
C ARG A 1160 -6.96 15.99 -5.46
N LEU A 1161 -8.13 16.37 -4.92
CA LEU A 1161 -9.10 15.37 -4.50
C LEU A 1161 -9.78 14.69 -5.67
N GLN A 1162 -9.84 15.34 -6.83
CA GLN A 1162 -10.48 14.72 -7.99
C GLN A 1162 -9.62 13.61 -8.58
N GLN A 1163 -8.33 13.59 -8.27
CA GLN A 1163 -7.45 12.56 -8.80
C GLN A 1163 -7.74 11.19 -8.20
N MET A 1164 -8.45 11.13 -7.07
CA MET A 1164 -8.78 9.86 -6.46
C MET A 1164 -9.89 9.12 -7.21
N LEU A 1165 -10.66 9.83 -8.04
CA LEU A 1165 -11.74 9.19 -8.78
C LEU A 1165 -11.21 8.39 -9.97
N ALA A 1166 -10.08 8.80 -10.55
CA ALA A 1166 -9.53 8.10 -11.70
C ALA A 1166 -9.07 6.71 -11.30
N GLU A 1167 -9.33 5.74 -12.18
CA GLU A 1167 -8.96 4.36 -11.91
C GLU A 1167 -7.44 4.19 -11.95
N TYR A 1168 -6.99 3.04 -11.43
CA TYR A 1168 -5.56 2.75 -11.42
C TYR A 1168 -5.04 2.54 -12.83
N GLN A 1169 -3.77 2.90 -13.03
CA GLN A 1169 -3.16 2.79 -14.34
C GLN A 1169 -2.90 1.33 -14.73
N ALA A 1170 -2.91 0.42 -13.76
CA ALA A 1170 -2.71 -1.02 -13.99
C ALA A 1170 -1.37 -1.33 -14.64
N GLN A 1171 -0.35 -0.52 -14.39
CA GLN A 1171 0.98 -0.78 -14.94
C GLN A 1171 2.01 -0.05 -14.08
N SER A 1172 3.15 -0.68 -13.89
CA SER A 1172 4.27 -0.10 -13.15
C SER A 1172 5.57 -0.49 -13.83
N ASP A 1173 6.66 0.17 -13.41
CA ASP A 1173 7.97 -0.19 -13.95
C ASP A 1173 8.41 -1.56 -13.47
N VAL A 1174 7.99 -1.96 -12.27
CA VAL A 1174 8.25 -3.29 -11.73
C VAL A 1174 6.96 -3.80 -11.08
N PRO A 1175 6.55 -5.04 -11.33
CA PRO A 1175 5.34 -5.57 -10.69
C PRO A 1175 5.46 -5.57 -9.18
N GLN A 1176 4.31 -5.77 -8.52
CA GLN A 1176 4.25 -5.66 -7.06
C GLN A 1176 5.10 -6.72 -6.38
N GLU A 1177 5.12 -7.94 -6.93
CA GLU A 1177 5.87 -9.03 -6.28
C GLU A 1177 7.36 -8.74 -6.27
N VAL A 1178 7.93 -8.43 -7.45
CA VAL A 1178 9.36 -8.15 -7.52
C VAL A 1178 9.70 -6.87 -6.79
N CYS A 1179 8.81 -5.88 -6.82
CA CYS A 1179 9.05 -4.64 -6.08
C CYS A 1179 9.12 -4.90 -4.58
N ASP A 1180 8.21 -5.73 -4.06
CA ASP A 1180 8.26 -6.07 -2.63
C ASP A 1180 9.49 -6.89 -2.30
N GLN A 1181 9.88 -7.81 -3.19
CA GLN A 1181 11.07 -8.60 -2.96
C GLN A 1181 12.34 -7.74 -2.97
N ILE A 1182 12.33 -6.67 -3.75
CA ILE A 1182 13.47 -5.75 -3.75
C ILE A 1182 13.46 -4.87 -2.50
N LEU A 1183 12.29 -4.40 -2.10
CA LEU A 1183 12.19 -3.55 -0.92
C LEU A 1183 12.59 -4.32 0.34
N GLU A 1184 12.20 -5.60 0.43
CA GLU A 1184 12.56 -6.40 1.59
C GLU A 1184 14.03 -6.79 1.59
N ALA A 1185 14.70 -6.72 0.44
CA ALA A 1185 16.11 -7.05 0.35
C ALA A 1185 17.01 -5.88 0.72
N ALA A 1186 16.47 -4.68 0.89
CA ALA A 1186 17.24 -3.49 1.25
C ALA A 1186 16.63 -2.94 2.55
N LYS A 1187 17.14 -3.42 3.68
CA LYS A 1187 16.67 -2.99 4.99
C LYS A 1187 17.55 -1.93 5.64
N GLU A 1188 18.76 -1.71 5.11
CA GLU A 1188 19.66 -0.72 5.69
C GLU A 1188 19.22 0.70 5.39
N SER A 1189 18.32 0.89 4.42
CA SER A 1189 17.83 2.22 4.05
C SER A 1189 16.35 2.40 4.32
N SER A 1190 15.69 1.42 4.92
CA SER A 1190 14.26 1.49 5.22
C SER A 1190 13.95 1.39 6.70
N VAL A 1191 14.98 1.40 7.56
CA VAL A 1191 14.79 1.30 9.00
C VAL A 1191 14.60 2.70 9.56
N GLY A 1192 13.53 2.90 10.33
CA GLY A 1192 13.25 4.18 10.93
C GLY A 1192 12.73 4.08 12.34
N GLU A 1193 11.62 4.77 12.63
CA GLU A 1193 11.01 4.75 13.95
C GLU A 1193 9.77 3.88 13.97
#